data_381D
# 
_entry.id   381D 
# 
_audit_conform.dict_name       mmcif_pdbx.dic 
_audit_conform.dict_version    5.387 
_audit_conform.dict_location   http://mmcif.pdb.org/dictionaries/ascii/mmcif_pdbx.dic 
# 
loop_
_database_2.database_id 
_database_2.database_code 
_database_2.pdbx_database_accession 
_database_2.pdbx_DOI 
PDB   381D         pdb_0000381d 10.2210/pdb381d/pdb 
RCSB  DDF077       ?            ?                   
WWPDB D_1000178849 ?            ?                   
# 
loop_
_pdbx_audit_revision_history.ordinal 
_pdbx_audit_revision_history.data_content_type 
_pdbx_audit_revision_history.major_revision 
_pdbx_audit_revision_history.minor_revision 
_pdbx_audit_revision_history.revision_date 
1 'Structure model' 1 0 1998-07-13 
2 'Structure model' 1 1 2008-05-22 
3 'Structure model' 1 2 2011-07-13 
4 'Structure model' 1 3 2014-11-26 
5 'Structure model' 1 4 2024-02-21 
# 
_pdbx_audit_revision_details.ordinal             1 
_pdbx_audit_revision_details.revision_ordinal    1 
_pdbx_audit_revision_details.data_content_type   'Structure model' 
_pdbx_audit_revision_details.provider            repository 
_pdbx_audit_revision_details.type                'Initial release' 
_pdbx_audit_revision_details.description         ? 
_pdbx_audit_revision_details.details             ? 
# 
loop_
_pdbx_audit_revision_group.ordinal 
_pdbx_audit_revision_group.revision_ordinal 
_pdbx_audit_revision_group.data_content_type 
_pdbx_audit_revision_group.group 
1 2 'Structure model' 'Version format compliance' 
2 3 'Structure model' 'Version format compliance' 
3 4 'Structure model' Other                       
4 5 'Structure model' 'Data collection'           
5 5 'Structure model' 'Database references'       
6 5 'Structure model' 'Derived calculations'      
7 5 'Structure model' 'Refinement description'    
# 
loop_
_pdbx_audit_revision_category.ordinal 
_pdbx_audit_revision_category.revision_ordinal 
_pdbx_audit_revision_category.data_content_type 
_pdbx_audit_revision_category.category 
1 5 'Structure model' chem_comp_atom 
2 5 'Structure model' chem_comp_bond 
3 5 'Structure model' database_2     
4 5 'Structure model' software       
5 5 'Structure model' struct_conn    
6 5 'Structure model' struct_site    
# 
loop_
_pdbx_audit_revision_item.ordinal 
_pdbx_audit_revision_item.revision_ordinal 
_pdbx_audit_revision_item.data_content_type 
_pdbx_audit_revision_item.item 
1  5 'Structure model' '_database_2.pdbx_DOI'                
2  5 'Structure model' '_database_2.pdbx_database_accession' 
3  5 'Structure model' '_software.name'                      
4  5 'Structure model' '_struct_conn.pdbx_dist_value'        
5  5 'Structure model' '_struct_conn.pdbx_leaving_atom_flag' 
6  5 'Structure model' '_struct_conn.ptnr1_auth_comp_id'     
7  5 'Structure model' '_struct_conn.ptnr1_auth_seq_id'      
8  5 'Structure model' '_struct_conn.ptnr1_label_atom_id'    
9  5 'Structure model' '_struct_conn.ptnr1_label_comp_id'    
10 5 'Structure model' '_struct_conn.ptnr1_label_seq_id'     
11 5 'Structure model' '_struct_conn.ptnr2_auth_comp_id'     
12 5 'Structure model' '_struct_conn.ptnr2_auth_seq_id'      
13 5 'Structure model' '_struct_conn.ptnr2_label_asym_id'    
14 5 'Structure model' '_struct_conn.ptnr2_label_atom_id'    
15 5 'Structure model' '_struct_conn.ptnr2_label_comp_id'    
16 5 'Structure model' '_struct_conn.ptnr2_label_seq_id'     
17 5 'Structure model' '_struct_site.pdbx_auth_asym_id'      
18 5 'Structure model' '_struct_site.pdbx_auth_comp_id'      
19 5 'Structure model' '_struct_site.pdbx_auth_seq_id'       
# 
_pdbx_database_status.status_code                     REL 
_pdbx_database_status.entry_id                        381D 
_pdbx_database_status.recvd_initial_deposition_date   1998-02-18 
_pdbx_database_status.deposit_site                    NDB 
_pdbx_database_status.process_site                    NDB 
_pdbx_database_status.status_code_sf                  REL 
_pdbx_database_status.status_code_mr                  ? 
_pdbx_database_status.SG_entry                        ? 
_pdbx_database_status.status_code_cs                  ? 
_pdbx_database_status.methods_development_category    ? 
_pdbx_database_status.pdb_format_compatible           Y 
_pdbx_database_status.status_code_nmr_data            ? 
# 
loop_
_audit_author.name 
_audit_author.pdbx_ordinal 
'Dutta, R.'     1 
'Gao, Y.-G.'    2 
'Priebe, W.'    3 
'Wang, A.H.-J.' 4 
# 
_citation.id                        primary 
_citation.title                     
;Binding of the modified daunorubicin WP401 adjacent to a T-G base pair induces the reverse Watson-Crick conformation: crystal structures of the WP401-TGGCCG and WP401-CGG[br5C]CG complexes.
;
_citation.journal_abbrev            'Nucleic Acids Res.' 
_citation.journal_volume            26 
_citation.page_first                3001 
_citation.page_last                 3005 
_citation.year                      1998 
_citation.journal_id_ASTM           NARHAD 
_citation.country                   UK 
_citation.journal_id_ISSN           0305-1048 
_citation.journal_id_CSD            0389 
_citation.book_publisher            ? 
_citation.pdbx_database_id_PubMed   9611247 
_citation.pdbx_database_id_DOI      10.1093/nar/26.12.3001 
# 
loop_
_citation_author.citation_id 
_citation_author.name 
_citation_author.ordinal 
_citation_author.identifier_ORCID 
primary 'Dutta, R.'  1 ? 
primary 'Gao, Y.G.'  2 ? 
primary 'Priebe, W.' 3 ? 
primary 'Wang, A.H.' 4 ? 
# 
loop_
_entity.id 
_entity.type 
_entity.src_method 
_entity.pdbx_description 
_entity.formula_weight 
_entity.pdbx_number_of_molecules 
_entity.pdbx_ec 
_entity.pdbx_mutation 
_entity.pdbx_fragment 
_entity.details 
1 polymer     man 
;DNA (5'-D(*TP*GP*GP*CP*CP*G)-3')
;
1825.216 1  ? ? ? ? 
2 polymer     man 
;DNA (5'-D(*TP*GP*(G49)P*CP*CP*G)-3')
;
1839.243 1  ? ? ? ? 
3 non-polymer syn "2'-BROMO-4'-EPIDAUNORUBICIN"          606.416  2  ? ? ? ? 
4 water       nat water                                  18.015   26 ? ? ? ? 
# 
loop_
_entity_poly.entity_id 
_entity_poly.type 
_entity_poly.nstd_linkage 
_entity_poly.nstd_monomer 
_entity_poly.pdbx_seq_one_letter_code 
_entity_poly.pdbx_seq_one_letter_code_can 
_entity_poly.pdbx_strand_id 
_entity_poly.pdbx_target_identifier 
1 polydeoxyribonucleotide no no  '(DT)(DG)(DG)(DC)(DC)(DG)'  TGGCCG A ? 
2 polydeoxyribonucleotide no yes '(DT)(DG)(G49)(DC)(DC)(DG)' TGGCCG B ? 
# 
loop_
_pdbx_entity_nonpoly.entity_id 
_pdbx_entity_nonpoly.name 
_pdbx_entity_nonpoly.comp_id 
3 "2'-BROMO-4'-EPIDAUNORUBICIN" DM8 
4 water                         HOH 
# 
loop_
_entity_poly_seq.entity_id 
_entity_poly_seq.num 
_entity_poly_seq.mon_id 
_entity_poly_seq.hetero 
1 1 DT  n 
1 2 DG  n 
1 3 DG  n 
1 4 DC  n 
1 5 DC  n 
1 6 DG  n 
2 1 DT  n 
2 2 DG  n 
2 3 G49 n 
2 4 DC  n 
2 5 DC  n 
2 6 DG  n 
# 
loop_
_chem_comp.id 
_chem_comp.type 
_chem_comp.mon_nstd_flag 
_chem_comp.name 
_chem_comp.pdbx_synonyms 
_chem_comp.formula 
_chem_comp.formula_weight 
DC  'DNA linking' y "2'-DEOXYCYTIDINE-5'-MONOPHOSPHATE"             ?                                                       
'C9 H14 N3 O7 P'   307.197 
DG  'DNA linking' y "2'-DEOXYGUANOSINE-5'-MONOPHOSPHATE"            ?                                                       
'C10 H14 N5 O7 P'  347.221 
DM8 non-polymer   . "2'-BROMO-4'-EPIDAUNORUBICIN"                   'WP401; DAUNOMYCIN DERIVATIVE; DAUNORUBICIN DERIVATIVE' 
'C27 H28 Br N O10' 606.416 
DT  'DNA linking' y "THYMIDINE-5'-MONOPHOSPHATE"                    ?                                                       
'C10 H15 N2 O8 P'  322.208 
G49 'DNA linking' n "N2-METHYL-2'-DEOXY-GUANOSINE-5'-MONOPHOSPHATE" ?                                                       
'C11 H16 N5 O7 P'  361.248 
HOH non-polymer   . WATER                                           ?                                                       'H2 O' 
18.015  
# 
loop_
_pdbx_poly_seq_scheme.asym_id 
_pdbx_poly_seq_scheme.entity_id 
_pdbx_poly_seq_scheme.seq_id 
_pdbx_poly_seq_scheme.mon_id 
_pdbx_poly_seq_scheme.ndb_seq_num 
_pdbx_poly_seq_scheme.pdb_seq_num 
_pdbx_poly_seq_scheme.auth_seq_num 
_pdbx_poly_seq_scheme.pdb_mon_id 
_pdbx_poly_seq_scheme.auth_mon_id 
_pdbx_poly_seq_scheme.pdb_strand_id 
_pdbx_poly_seq_scheme.pdb_ins_code 
_pdbx_poly_seq_scheme.hetero 
A 1 1 DT  1 1  1  DT  T  A . n 
A 1 2 DG  2 2  2  DG  G  A . n 
A 1 3 DG  3 3  3  DG  G  A . n 
A 1 4 DC  4 4  4  DC  C  A . n 
A 1 5 DC  5 5  5  DC  C  A . n 
A 1 6 DG  6 6  6  DG  G  A . n 
B 2 1 DT  1 7  7  DT  T  B . n 
B 2 2 DG  2 8  8  DG  G  B . n 
B 2 3 G49 3 9  9  G49 +G B . n 
B 2 4 DC  4 10 10 DC  C  B . n 
B 2 5 DC  5 11 11 DC  C  B . n 
B 2 6 DG  6 12 12 DG  G  B . n 
# 
loop_
_pdbx_nonpoly_scheme.asym_id 
_pdbx_nonpoly_scheme.entity_id 
_pdbx_nonpoly_scheme.mon_id 
_pdbx_nonpoly_scheme.ndb_seq_num 
_pdbx_nonpoly_scheme.pdb_seq_num 
_pdbx_nonpoly_scheme.auth_seq_num 
_pdbx_nonpoly_scheme.pdb_mon_id 
_pdbx_nonpoly_scheme.auth_mon_id 
_pdbx_nonpoly_scheme.pdb_strand_id 
_pdbx_nonpoly_scheme.pdb_ins_code 
C 3 DM8 1  14 14 DM8 DM8 A . 
D 3 DM8 1  13 9  DM8 DM8 B . 
E 4 HOH 1  21 21 HOH HOH A . 
E 4 HOH 2  22 22 HOH HOH A . 
E 4 HOH 3  25 25 HOH HOH A . 
E 4 HOH 4  27 27 HOH HOH A . 
E 4 HOH 5  34 34 HOH HOH A . 
E 4 HOH 6  36 36 HOH HOH A . 
E 4 HOH 7  37 37 HOH HOH A . 
E 4 HOH 8  38 38 HOH HOH A . 
E 4 HOH 9  39 39 HOH HOH A . 
F 4 HOH 1  15 15 HOH HOH B . 
F 4 HOH 2  16 16 HOH HOH B . 
F 4 HOH 3  17 17 HOH HOH B . 
F 4 HOH 4  18 18 HOH HOH B . 
F 4 HOH 5  19 19 HOH HOH B . 
F 4 HOH 6  20 20 HOH HOH B . 
F 4 HOH 7  23 23 HOH HOH B . 
F 4 HOH 8  24 24 HOH HOH B . 
F 4 HOH 9  26 26 HOH HOH B . 
F 4 HOH 10 28 28 HOH HOH B . 
F 4 HOH 11 29 29 HOH HOH B . 
F 4 HOH 12 30 30 HOH HOH B . 
F 4 HOH 13 31 31 HOH HOH B . 
F 4 HOH 14 32 32 HOH HOH B . 
F 4 HOH 15 33 33 HOH HOH B . 
F 4 HOH 16 35 35 HOH HOH B . 
F 4 HOH 17 40 40 HOH HOH B . 
# 
loop_
_software.name 
_software.classification 
_software.version 
_software.citation_id 
_software.pdbx_ordinal 
X-PLOR refinement       .        ? 1 
bioteX 'data reduction' 'V. 1.1' ? 2 
bioteX 'data scaling'   'V. 1.1' ? 3 
# 
_cell.entry_id           381D 
_cell.length_a           37.200 
_cell.length_b           37.200 
_cell.length_c           70.530 
_cell.angle_alpha        90.00 
_cell.angle_beta         90.00 
_cell.angle_gamma        90.00 
_cell.Z_PDB              8 
_cell.pdbx_unique_axis   ? 
_cell.length_a_esd       ? 
_cell.length_b_esd       ? 
_cell.length_c_esd       ? 
_cell.angle_alpha_esd    ? 
_cell.angle_beta_esd     ? 
_cell.angle_gamma_esd    ? 
# 
_symmetry.entry_id                         381D 
_symmetry.space_group_name_H-M             'P 43 2 2' 
_symmetry.pdbx_full_space_group_name_H-M   ? 
_symmetry.cell_setting                     ? 
_symmetry.Int_Tables_number                95 
_symmetry.space_group_name_Hall            ? 
# 
_exptl.entry_id          381D 
_exptl.method            'X-RAY DIFFRACTION' 
_exptl.crystals_number   1 
# 
_exptl_crystal.id                    1 
_exptl_crystal.density_meas          ? 
_exptl_crystal.density_Matthews      3.33 
_exptl_crystal.density_percent_sol   63.06 
_exptl_crystal.description           ? 
_exptl_crystal.F_000                 ? 
_exptl_crystal.preparation           ? 
# 
_exptl_crystal_grow.crystal_id      1 
_exptl_crystal_grow.method          'VAPOR DIFFUSION' 
_exptl_crystal_grow.temp            298.00 
_exptl_crystal_grow.temp_details    ? 
_exptl_crystal_grow.pH              6.00 
_exptl_crystal_grow.pdbx_details    'pH 6.00, VAPOR DIFFUSION, temperature 298.00K' 
_exptl_crystal_grow.pdbx_pH_range   ? 
# 
loop_
_exptl_crystal_grow_comp.crystal_id 
_exptl_crystal_grow_comp.id 
_exptl_crystal_grow_comp.sol_id 
_exptl_crystal_grow_comp.name 
_exptl_crystal_grow_comp.volume 
_exptl_crystal_grow_comp.conc 
_exptl_crystal_grow_comp.details 
1 1 1 WATER               ? ? ? 
1 2 1 BACL2               ? ? ? 
1 3 1 'SODIUM CACODYLATE' ? ? ? 
1 4 1 SPERMINE            ? ? ? 
1 5 1 MPD                 ? ? ? 
1 6 2 WATER               ? ? ? 
1 7 2 MPD                 ? ? ? 
# 
_diffrn.id                     1 
_diffrn.ambient_temp           123.00 
_diffrn.ambient_temp_details   ? 
_diffrn.crystal_id             1 
# 
_diffrn_detector.diffrn_id              1 
_diffrn_detector.detector               'IMAGE PLATE' 
_diffrn_detector.type                   RIGAKU 
_diffrn_detector.pdbx_collection_date   1997-07-22 
_diffrn_detector.details                ? 
# 
_diffrn_radiation.diffrn_id                        1 
_diffrn_radiation.wavelength_id                    1 
_diffrn_radiation.pdbx_monochromatic_or_laue_m_l   M 
_diffrn_radiation.monochromator                    GRAPHITE 
_diffrn_radiation.pdbx_diffrn_protocol             ? 
_diffrn_radiation.pdbx_scattering_type             x-ray 
# 
_diffrn_radiation_wavelength.id           1 
_diffrn_radiation_wavelength.wavelength   . 
_diffrn_radiation_wavelength.wt           1.0 
# 
_diffrn_source.diffrn_id                   1 
_diffrn_source.source                      ? 
_diffrn_source.type                        ? 
_diffrn_source.pdbx_synchrotron_site       ? 
_diffrn_source.pdbx_synchrotron_beamline   ? 
_diffrn_source.pdbx_wavelength             ? 
_diffrn_source.pdbx_wavelength_list        ? 
# 
_reflns.entry_id                     381D 
_reflns.observed_criterion_sigma_I   1.000 
_reflns.observed_criterion_sigma_F   ? 
_reflns.d_resolution_low             37.200 
_reflns.d_resolution_high            1.900 
_reflns.number_obs                   3483 
_reflns.number_all                   ? 
_reflns.percent_possible_obs         81.000 
_reflns.pdbx_Rmerge_I_obs            0.056 
_reflns.pdbx_Rsym_value              ? 
_reflns.pdbx_netI_over_sigmaI        ? 
_reflns.B_iso_Wilson_estimate        ? 
_reflns.pdbx_redundancy              4.300 
_reflns.R_free_details               ? 
_reflns.pdbx_chi_squared             ? 
_reflns.pdbx_scaling_rejects         ? 
_reflns.pdbx_ordinal                 1 
_reflns.pdbx_diffrn_id               1 
# 
_refine.entry_id                                 381D 
_refine.ls_number_reflns_obs                     2781 
_refine.ls_number_reflns_all                     ? 
_refine.pdbx_ls_sigma_I                          ? 
_refine.pdbx_ls_sigma_F                          2.000 
_refine.pdbx_data_cutoff_high_absF               ? 
_refine.pdbx_data_cutoff_low_absF                ? 
_refine.pdbx_data_cutoff_high_rms_absF           ? 
_refine.ls_d_res_low                             10.000 
_refine.ls_d_res_high                            2.100 
_refine.ls_percent_reflns_obs                    73.240 
_refine.ls_R_factor_obs                          0.245 
_refine.ls_R_factor_all                          0.247 
_refine.ls_R_factor_R_work                       0.245 
_refine.ls_R_factor_R_free                       0.318 
_refine.ls_R_factor_R_free_error                 ? 
_refine.ls_R_factor_R_free_error_details         ? 
_refine.ls_percent_reflns_R_free                 5.000 
_refine.ls_number_reflns_R_free                  ? 
_refine.ls_number_parameters                     ? 
_refine.ls_number_restraints                     ? 
_refine.occupancy_min                            ? 
_refine.occupancy_max                            ? 
_refine.B_iso_mean                               ? 
_refine.aniso_B[1][1]                            ? 
_refine.aniso_B[2][2]                            ? 
_refine.aniso_B[3][3]                            ? 
_refine.aniso_B[1][2]                            ? 
_refine.aniso_B[1][3]                            ? 
_refine.aniso_B[2][3]                            ? 
_refine.solvent_model_details                    ? 
_refine.solvent_model_param_ksol                 ? 
_refine.solvent_model_param_bsol                 ? 
_refine.pdbx_ls_cross_valid_method               ? 
_refine.details                                  ? 
_refine.pdbx_starting_model                      ? 
_refine.pdbx_method_to_determine_struct          ? 
_refine.pdbx_isotropic_thermal_model             ? 
_refine.pdbx_stereochemistry_target_values       ? 
_refine.pdbx_stereochem_target_val_spec_case     ? 
_refine.pdbx_R_Free_selection_details            ? 
_refine.pdbx_overall_ESU_R                       ? 
_refine.pdbx_overall_ESU_R_Free                  ? 
_refine.overall_SU_ML                            ? 
_refine.overall_SU_B                             ? 
_refine.pdbx_refine_id                           'X-RAY DIFFRACTION' 
_refine.ls_redundancy_reflns_obs                 ? 
_refine.pdbx_overall_phase_error                 ? 
_refine.correlation_coeff_Fo_to_Fc               ? 
_refine.correlation_coeff_Fo_to_Fc_free          ? 
_refine.pdbx_solvent_vdw_probe_radii             ? 
_refine.pdbx_solvent_ion_probe_radii             ? 
_refine.pdbx_solvent_shrinkage_radii             ? 
_refine.overall_SU_R_Cruickshank_DPI             ? 
_refine.overall_SU_R_free                        ? 
_refine.ls_wR_factor_R_free                      ? 
_refine.ls_wR_factor_R_work                      ? 
_refine.overall_FOM_free_R_set                   ? 
_refine.overall_FOM_work_R_set                   ? 
_refine.pdbx_diffrn_id                           1 
_refine.pdbx_TLS_residual_ADP_flag               ? 
_refine.pdbx_overall_SU_R_free_Cruickshank_DPI   ? 
_refine.pdbx_overall_SU_R_Blow_DPI               ? 
_refine.pdbx_overall_SU_R_free_Blow_DPI          ? 
# 
_refine_hist.pdbx_refine_id                   'X-RAY DIFFRACTION' 
_refine_hist.cycle_id                         LAST 
_refine_hist.pdbx_number_atoms_protein        0 
_refine_hist.pdbx_number_atoms_nucleic_acid   243 
_refine_hist.pdbx_number_atoms_ligand         78 
_refine_hist.number_atoms_solvent             26 
_refine_hist.number_atoms_total               347 
_refine_hist.d_res_high                       2.100 
_refine_hist.d_res_low                        10.000 
# 
loop_
_refine_ls_restr.type 
_refine_ls_restr.dev_ideal 
_refine_ls_restr.dev_ideal_target 
_refine_ls_restr.weight 
_refine_ls_restr.number 
_refine_ls_restr.pdbx_refine_id 
_refine_ls_restr.pdbx_restraint_function 
x_bond_d                0.009 ? ? ? 'X-RAY DIFFRACTION' ? 
x_bond_d_na             ?     ? ? ? 'X-RAY DIFFRACTION' ? 
x_bond_d_prot           ?     ? ? ? 'X-RAY DIFFRACTION' ? 
x_angle_d               ?     ? ? ? 'X-RAY DIFFRACTION' ? 
x_angle_d_na            ?     ? ? ? 'X-RAY DIFFRACTION' ? 
x_angle_d_prot          ?     ? ? ? 'X-RAY DIFFRACTION' ? 
x_angle_deg             0.96  ? ? ? 'X-RAY DIFFRACTION' ? 
x_angle_deg_na          ?     ? ? ? 'X-RAY DIFFRACTION' ? 
x_angle_deg_prot        ?     ? ? ? 'X-RAY DIFFRACTION' ? 
x_dihedral_angle_d      ?     ? ? ? 'X-RAY DIFFRACTION' ? 
x_dihedral_angle_d_na   ?     ? ? ? 'X-RAY DIFFRACTION' ? 
x_dihedral_angle_d_prot ?     ? ? ? 'X-RAY DIFFRACTION' ? 
x_improper_angle_d      ?     ? ? ? 'X-RAY DIFFRACTION' ? 
x_improper_angle_d_na   ?     ? ? ? 'X-RAY DIFFRACTION' ? 
x_improper_angle_d_prot ?     ? ? ? 'X-RAY DIFFRACTION' ? 
x_mcbond_it             ?     ? ? ? 'X-RAY DIFFRACTION' ? 
x_mcangle_it            ?     ? ? ? 'X-RAY DIFFRACTION' ? 
x_scbond_it             ?     ? ? ? 'X-RAY DIFFRACTION' ? 
x_scangle_it            ?     ? ? ? 'X-RAY DIFFRACTION' ? 
# 
_struct.entry_id                  381D 
_struct.title                     
;BINDING OF THE MODIFIED DAUNORUBICIN WP401 ADJACENT TO A T-G BASE PAIR INDUCES THE REVERSE WATSON-CRICK CONFORMATION: CRYSTAL STRUCTURES OF THE WP401-TGGCCG AND WP401-CGG[BR5C]CG COMPLEXES
;
_struct.pdbx_model_details        ? 
_struct.pdbx_CASP_flag            ? 
_struct.pdbx_model_type_details   ? 
# 
_struct_keywords.entry_id        381D 
_struct_keywords.pdbx_keywords   DNA 
_struct_keywords.text            'RIGHT HANDED DNA, DOUBLE HELIX, COMPLEXED WITH DRUG, MODIFIED, MISMATCHED, DNA' 
# 
loop_
_struct_asym.id 
_struct_asym.pdbx_blank_PDB_chainid_flag 
_struct_asym.pdbx_modified 
_struct_asym.entity_id 
_struct_asym.details 
A N N 1 ? 
B N N 2 ? 
C N N 3 ? 
D N N 3 ? 
E N N 4 ? 
F N N 4 ? 
# 
loop_
_struct_ref.id 
_struct_ref.entity_id 
_struct_ref.db_name 
_struct_ref.db_code 
_struct_ref.pdbx_db_accession 
_struct_ref.pdbx_align_begin 
_struct_ref.pdbx_seq_one_letter_code 
_struct_ref.pdbx_db_isoform 
1 1 PDB 381D 381D ? ? ? 
2 2 PDB 381D 381D ? ? ? 
# 
loop_
_struct_ref_seq.align_id 
_struct_ref_seq.ref_id 
_struct_ref_seq.pdbx_PDB_id_code 
_struct_ref_seq.pdbx_strand_id 
_struct_ref_seq.seq_align_beg 
_struct_ref_seq.pdbx_seq_align_beg_ins_code 
_struct_ref_seq.seq_align_end 
_struct_ref_seq.pdbx_seq_align_end_ins_code 
_struct_ref_seq.pdbx_db_accession 
_struct_ref_seq.db_align_beg 
_struct_ref_seq.pdbx_db_align_beg_ins_code 
_struct_ref_seq.db_align_end 
_struct_ref_seq.pdbx_db_align_end_ins_code 
_struct_ref_seq.pdbx_auth_seq_align_beg 
_struct_ref_seq.pdbx_auth_seq_align_end 
1 1 381D A 1 ? 6 ? 381D 1 ? 6  ? 1 6  
2 2 381D B 1 ? 6 ? 381D 7 ? 12 ? 7 12 
# 
_pdbx_struct_assembly.id                   1 
_pdbx_struct_assembly.details              author_defined_assembly 
_pdbx_struct_assembly.method_details       ? 
_pdbx_struct_assembly.oligomeric_details   dimeric 
_pdbx_struct_assembly.oligomeric_count     2 
# 
_pdbx_struct_assembly_gen.assembly_id       1 
_pdbx_struct_assembly_gen.oper_expression   1 
_pdbx_struct_assembly_gen.asym_id_list      A,B,C,D,E,F 
# 
_pdbx_struct_oper_list.id                   1 
_pdbx_struct_oper_list.type                 'identity operation' 
_pdbx_struct_oper_list.name                 1_555 
_pdbx_struct_oper_list.symmetry_operation   x,y,z 
_pdbx_struct_oper_list.matrix[1][1]         1.0000000000 
_pdbx_struct_oper_list.matrix[1][2]         0.0000000000 
_pdbx_struct_oper_list.matrix[1][3]         0.0000000000 
_pdbx_struct_oper_list.vector[1]            0.0000000000 
_pdbx_struct_oper_list.matrix[2][1]         0.0000000000 
_pdbx_struct_oper_list.matrix[2][2]         1.0000000000 
_pdbx_struct_oper_list.matrix[2][3]         0.0000000000 
_pdbx_struct_oper_list.vector[2]            0.0000000000 
_pdbx_struct_oper_list.matrix[3][1]         0.0000000000 
_pdbx_struct_oper_list.matrix[3][2]         0.0000000000 
_pdbx_struct_oper_list.matrix[3][3]         1.0000000000 
_pdbx_struct_oper_list.vector[3]            0.0000000000 
# 
_struct_biol.id        1 
_struct_biol.details   ? 
# 
loop_
_struct_conn.id 
_struct_conn.conn_type_id 
_struct_conn.pdbx_leaving_atom_flag 
_struct_conn.pdbx_PDB_id 
_struct_conn.ptnr1_label_asym_id 
_struct_conn.ptnr1_label_comp_id 
_struct_conn.ptnr1_label_seq_id 
_struct_conn.ptnr1_label_atom_id 
_struct_conn.pdbx_ptnr1_label_alt_id 
_struct_conn.pdbx_ptnr1_PDB_ins_code 
_struct_conn.pdbx_ptnr1_standard_comp_id 
_struct_conn.ptnr1_symmetry 
_struct_conn.ptnr2_label_asym_id 
_struct_conn.ptnr2_label_comp_id 
_struct_conn.ptnr2_label_seq_id 
_struct_conn.ptnr2_label_atom_id 
_struct_conn.pdbx_ptnr2_label_alt_id 
_struct_conn.pdbx_ptnr2_PDB_ins_code 
_struct_conn.ptnr1_auth_asym_id 
_struct_conn.ptnr1_auth_comp_id 
_struct_conn.ptnr1_auth_seq_id 
_struct_conn.ptnr2_auth_asym_id 
_struct_conn.ptnr2_auth_comp_id 
_struct_conn.ptnr2_auth_seq_id 
_struct_conn.ptnr2_symmetry 
_struct_conn.pdbx_ptnr3_label_atom_id 
_struct_conn.pdbx_ptnr3_label_seq_id 
_struct_conn.pdbx_ptnr3_label_comp_id 
_struct_conn.pdbx_ptnr3_label_asym_id 
_struct_conn.pdbx_ptnr3_label_alt_id 
_struct_conn.pdbx_ptnr3_PDB_ins_code 
_struct_conn.details 
_struct_conn.pdbx_dist_value 
_struct_conn.pdbx_value_order 
_struct_conn.pdbx_role 
covale1  covale both ? B DG  2 "O3'" ? ? ? 1_555 B G49 3 P     ? ? B DG  8 B G49 9  1_555 ? ? ? ? ? ? ?            1.602 ? ? 
covale2  covale one  ? B G49 3 "O3'" ? ? ? 1_555 B DC  4 P     ? ? B G49 9 B DC  10 1_555 ? ? ? ? ? ? ?            1.585 ? ? 
covale3  covale none ? B G49 3 CM2   ? ? ? 1_555 D DM8 . "N3'" ? ? B G49 9 B DM8 13 1_555 ? ? ? ? ? ? ?            1.430 ? ? 
hydrog1  hydrog ?    ? A DT  1 N3    ? ? ? 1_555 B DG  6 O6    ? ? A DT  1 B DG  12 1_555 ? ? ? ? ? ? TYPE_27_PAIR ?     ? ? 
hydrog2  hydrog ?    ? A DT  1 O4    ? ? ? 1_555 B DG  6 N1    ? ? A DT  1 B DG  12 1_555 ? ? ? ? ? ? TYPE_27_PAIR ?     ? ? 
hydrog3  hydrog ?    ? A DG  2 N1    ? ? ? 1_555 B DC  5 N3    ? ? A DG  2 B DC  11 1_555 ? ? ? ? ? ? WATSON-CRICK ?     ? ? 
hydrog4  hydrog ?    ? A DG  2 N2    ? ? ? 1_555 B DC  5 O2    ? ? A DG  2 B DC  11 1_555 ? ? ? ? ? ? WATSON-CRICK ?     ? ? 
hydrog5  hydrog ?    ? A DG  2 O6    ? ? ? 1_555 B DC  5 N4    ? ? A DG  2 B DC  11 1_555 ? ? ? ? ? ? WATSON-CRICK ?     ? ? 
hydrog6  hydrog ?    ? A DG  3 N1    ? ? ? 1_555 B DC  4 N3    ? ? A DG  3 B DC  10 1_555 ? ? ? ? ? ? WATSON-CRICK ?     ? ? 
hydrog7  hydrog ?    ? A DG  3 N2    ? ? ? 1_555 B DC  4 O2    ? ? A DG  3 B DC  10 1_555 ? ? ? ? ? ? WATSON-CRICK ?     ? ? 
hydrog8  hydrog ?    ? A DG  3 O6    ? ? ? 1_555 B DC  4 N4    ? ? A DG  3 B DC  10 1_555 ? ? ? ? ? ? WATSON-CRICK ?     ? ? 
hydrog9  hydrog ?    ? A DC  4 N3    ? ? ? 1_555 B G49 3 N1    ? ? A DC  4 B G49 9  1_555 ? ? ? ? ? ? WATSON-CRICK ?     ? ? 
hydrog10 hydrog ?    ? A DC  4 N4    ? ? ? 1_555 B G49 3 O6    ? ? A DC  4 B G49 9  1_555 ? ? ? ? ? ? WATSON-CRICK ?     ? ? 
hydrog11 hydrog ?    ? A DC  4 O2    ? ? ? 1_555 B G49 3 N2    ? ? A DC  4 B G49 9  1_555 ? ? ? ? ? ? WATSON-CRICK ?     ? ? 
hydrog12 hydrog ?    ? A DC  5 N3    ? ? ? 1_555 B DG  2 N1    ? ? A DC  5 B DG  8  1_555 ? ? ? ? ? ? WATSON-CRICK ?     ? ? 
hydrog13 hydrog ?    ? A DC  5 N4    ? ? ? 1_555 B DG  2 O6    ? ? A DC  5 B DG  8  1_555 ? ? ? ? ? ? WATSON-CRICK ?     ? ? 
hydrog14 hydrog ?    ? A DC  5 O2    ? ? ? 1_555 B DG  2 N2    ? ? A DC  5 B DG  8  1_555 ? ? ? ? ? ? WATSON-CRICK ?     ? ? 
hydrog15 hydrog ?    ? A DG  6 N1    ? ? ? 1_555 B DT  1 O4    ? ? A DG  6 B DT  7  1_555 ? ? ? ? ? ? TYPE_27_PAIR ?     ? ? 
hydrog16 hydrog ?    ? A DG  6 O6    ? ? ? 1_555 B DT  1 N3    ? ? A DG  6 B DT  7  1_555 ? ? ? ? ? ? TYPE_27_PAIR ?     ? ? 
# 
loop_
_struct_conn_type.id 
_struct_conn_type.criteria 
_struct_conn_type.reference 
covale ? ? 
hydrog ? ? 
# 
loop_
_struct_site.id 
_struct_site.pdbx_evidence_code 
_struct_site.pdbx_auth_asym_id 
_struct_site.pdbx_auth_comp_id 
_struct_site.pdbx_auth_seq_id 
_struct_site.pdbx_auth_ins_code 
_struct_site.pdbx_num_residues 
_struct_site.details 
AC1 Software B DM8 13 ? 6 'BINDING SITE FOR RESIDUE DM8 B 13' 
AC2 Software A DM8 14 ? 6 'BINDING SITE FOR RESIDUE DM8 A 14' 
1   ?        ? ?   ?  ? ? ?                                   
# 
loop_
_struct_site_gen.id 
_struct_site_gen.site_id 
_struct_site_gen.pdbx_num_res 
_struct_site_gen.label_comp_id 
_struct_site_gen.label_asym_id 
_struct_site_gen.label_seq_id 
_struct_site_gen.pdbx_auth_ins_code 
_struct_site_gen.auth_comp_id 
_struct_site_gen.auth_asym_id 
_struct_site_gen.auth_seq_id 
_struct_site_gen.label_atom_id 
_struct_site_gen.label_alt_id 
_struct_site_gen.symmetry 
_struct_site_gen.details 
1  AC1 6 DC  A 5 ? DC  A 5  . ? 1_555 ? 
2  AC1 6 DG  A 6 ? DG  A 6  . ? 1_555 ? 
3  AC1 6 DG  A 6 ? DG  A 6  . ? 6_565 ? 
4  AC1 6 DT  B 1 ? DT  B 7  . ? 1_555 ? 
5  AC1 6 DG  B 2 ? DG  B 8  . ? 1_555 ? 
6  AC1 6 G49 B 3 ? G49 B 9  . ? 1_555 ? 
7  AC2 6 DT  A 1 ? DT  A 1  . ? 1_555 ? 
8  AC2 6 DG  A 2 ? DG  A 2  . ? 1_555 ? 
9  AC2 6 DG  A 3 ? DG  A 3  . ? 1_555 ? 
10 AC2 6 DC  A 5 ? DC  A 5  . ? 6_565 ? 
11 AC2 6 DC  B 5 ? DC  B 11 . ? 1_555 ? 
12 AC2 6 DG  B 6 ? DG  B 12 . ? 1_555 ? 
# 
_pdbx_validate_planes.id              1 
_pdbx_validate_planes.PDB_model_num   1 
_pdbx_validate_planes.auth_comp_id    DC 
_pdbx_validate_planes.auth_asym_id    A 
_pdbx_validate_planes.auth_seq_id     5 
_pdbx_validate_planes.PDB_ins_code    ? 
_pdbx_validate_planes.label_alt_id    ? 
_pdbx_validate_planes.rmsd            0.068 
_pdbx_validate_planes.type            'SIDE CHAIN' 
# 
_pdbx_struct_mod_residue.id               1 
_pdbx_struct_mod_residue.label_asym_id    B 
_pdbx_struct_mod_residue.label_comp_id    G49 
_pdbx_struct_mod_residue.label_seq_id     3 
_pdbx_struct_mod_residue.auth_asym_id     B 
_pdbx_struct_mod_residue.auth_comp_id     G49 
_pdbx_struct_mod_residue.auth_seq_id      9 
_pdbx_struct_mod_residue.PDB_ins_code     ? 
_pdbx_struct_mod_residue.parent_comp_id   DG 
_pdbx_struct_mod_residue.details          ? 
# 
_struct_site_keywords.site_id   1 
_struct_site_keywords.text      INTERCALATION 
# 
loop_
_chem_comp_atom.comp_id 
_chem_comp_atom.atom_id 
_chem_comp_atom.type_symbol 
_chem_comp_atom.pdbx_aromatic_flag 
_chem_comp_atom.pdbx_stereo_config 
_chem_comp_atom.pdbx_ordinal 
DC  OP3    O  N N 1   
DC  P      P  N N 2   
DC  OP1    O  N N 3   
DC  OP2    O  N N 4   
DC  "O5'"  O  N N 5   
DC  "C5'"  C  N N 6   
DC  "C4'"  C  N R 7   
DC  "O4'"  O  N N 8   
DC  "C3'"  C  N S 9   
DC  "O3'"  O  N N 10  
DC  "C2'"  C  N N 11  
DC  "C1'"  C  N R 12  
DC  N1     N  N N 13  
DC  C2     C  N N 14  
DC  O2     O  N N 15  
DC  N3     N  N N 16  
DC  C4     C  N N 17  
DC  N4     N  N N 18  
DC  C5     C  N N 19  
DC  C6     C  N N 20  
DC  HOP3   H  N N 21  
DC  HOP2   H  N N 22  
DC  "H5'"  H  N N 23  
DC  "H5''" H  N N 24  
DC  "H4'"  H  N N 25  
DC  "H3'"  H  N N 26  
DC  "HO3'" H  N N 27  
DC  "H2'"  H  N N 28  
DC  "H2''" H  N N 29  
DC  "H1'"  H  N N 30  
DC  H41    H  N N 31  
DC  H42    H  N N 32  
DC  H5     H  N N 33  
DC  H6     H  N N 34  
DG  OP3    O  N N 35  
DG  P      P  N N 36  
DG  OP1    O  N N 37  
DG  OP2    O  N N 38  
DG  "O5'"  O  N N 39  
DG  "C5'"  C  N N 40  
DG  "C4'"  C  N R 41  
DG  "O4'"  O  N N 42  
DG  "C3'"  C  N S 43  
DG  "O3'"  O  N N 44  
DG  "C2'"  C  N N 45  
DG  "C1'"  C  N R 46  
DG  N9     N  Y N 47  
DG  C8     C  Y N 48  
DG  N7     N  Y N 49  
DG  C5     C  Y N 50  
DG  C6     C  N N 51  
DG  O6     O  N N 52  
DG  N1     N  N N 53  
DG  C2     C  N N 54  
DG  N2     N  N N 55  
DG  N3     N  N N 56  
DG  C4     C  Y N 57  
DG  HOP3   H  N N 58  
DG  HOP2   H  N N 59  
DG  "H5'"  H  N N 60  
DG  "H5''" H  N N 61  
DG  "H4'"  H  N N 62  
DG  "H3'"  H  N N 63  
DG  "HO3'" H  N N 64  
DG  "H2'"  H  N N 65  
DG  "H2''" H  N N 66  
DG  "H1'"  H  N N 67  
DG  H8     H  N N 68  
DG  H1     H  N N 69  
DG  H21    H  N N 70  
DG  H22    H  N N 71  
DM8 C1     C  Y N 72  
DM8 C2     C  Y N 73  
DM8 C3     C  Y N 74  
DM8 C4     C  Y N 75  
DM8 C5     C  N N 76  
DM8 C6     C  Y N 77  
DM8 C7     C  N S 78  
DM8 C8     C  N N 79  
DM8 C9     C  N S 80  
DM8 C10    C  N N 81  
DM8 C11    C  Y N 82  
DM8 C12    C  N N 83  
DM8 C13    C  N N 84  
DM8 C14    C  N N 85  
DM8 C15    C  Y N 86  
DM8 C16    C  Y N 87  
DM8 C17    C  Y N 88  
DM8 C18    C  Y N 89  
DM8 C19    C  Y N 90  
DM8 C20    C  Y N 91  
DM8 C21    C  N N 92  
DM8 O4     O  N N 93  
DM8 O5     O  N N 94  
DM8 O6     O  N N 95  
DM8 O7     O  N N 96  
DM8 O9     O  N N 97  
DM8 O11    O  N N 98  
DM8 O12    O  N N 99  
DM8 O13    O  N N 100 
DM8 "C1'"  C  N R 101 
DM8 "C2'"  C  N R 102 
DM8 "C3'"  C  N R 103 
DM8 "C4'"  C  N R 104 
DM8 "C5'"  C  N S 105 
DM8 "C6'"  C  N N 106 
DM8 "O5'"  O  N N 107 
DM8 "O4'"  O  N N 108 
DM8 "N3'"  N  N N 109 
DM8 BR     BR N N 110 
DM8 H1     H  N N 111 
DM8 H2     H  N N 112 
DM8 H3     H  N N 113 
DM8 H7     H  N N 114 
DM8 H81    H  N N 115 
DM8 H82    H  N N 116 
DM8 H101   H  N N 117 
DM8 H102   H  N N 118 
DM8 H141   H  N N 119 
DM8 H142   H  N N 120 
DM8 H143   H  N N 121 
DM8 H211   H  N N 122 
DM8 H212   H  N N 123 
DM8 H213   H  N N 124 
DM8 H6     H  N N 125 
DM8 H9     H  N N 126 
DM8 H11    H  N N 127 
DM8 "H1'"  H  N N 128 
DM8 "H2'"  H  N N 129 
DM8 "H3'"  H  N N 130 
DM8 "H4'"  H  N N 131 
DM8 "H5'"  H  N N 132 
DM8 "H6'1" H  N N 133 
DM8 "H6'2" H  N N 134 
DM8 "H6'3" H  N N 135 
DM8 "HO4'" H  N N 136 
DM8 "HN'1" H  N N 137 
DM8 "HN'2" H  N N 138 
DT  OP3    O  N N 139 
DT  P      P  N N 140 
DT  OP1    O  N N 141 
DT  OP2    O  N N 142 
DT  "O5'"  O  N N 143 
DT  "C5'"  C  N N 144 
DT  "C4'"  C  N R 145 
DT  "O4'"  O  N N 146 
DT  "C3'"  C  N S 147 
DT  "O3'"  O  N N 148 
DT  "C2'"  C  N N 149 
DT  "C1'"  C  N R 150 
DT  N1     N  N N 151 
DT  C2     C  N N 152 
DT  O2     O  N N 153 
DT  N3     N  N N 154 
DT  C4     C  N N 155 
DT  O4     O  N N 156 
DT  C5     C  N N 157 
DT  C7     C  N N 158 
DT  C6     C  N N 159 
DT  HOP3   H  N N 160 
DT  HOP2   H  N N 161 
DT  "H5'"  H  N N 162 
DT  "H5''" H  N N 163 
DT  "H4'"  H  N N 164 
DT  "H3'"  H  N N 165 
DT  "HO3'" H  N N 166 
DT  "H2'"  H  N N 167 
DT  "H2''" H  N N 168 
DT  "H1'"  H  N N 169 
DT  H3     H  N N 170 
DT  H71    H  N N 171 
DT  H72    H  N N 172 
DT  H73    H  N N 173 
DT  H6     H  N N 174 
G49 P      P  N N 175 
G49 O1P    O  N N 176 
G49 O2P    O  N N 177 
G49 O3P    O  N N 178 
G49 "O5'"  O  N N 179 
G49 "C5'"  C  N N 180 
G49 "C4'"  C  N R 181 
G49 "O4'"  O  N N 182 
G49 "C3'"  C  N S 183 
G49 "O3'"  O  N N 184 
G49 "C2'"  C  N N 185 
G49 "C1'"  C  N R 186 
G49 N9     N  Y N 187 
G49 C8     C  Y N 188 
G49 N7     N  Y N 189 
G49 C5     C  Y N 190 
G49 C6     C  N N 191 
G49 O6     O  N N 192 
G49 N1     N  N N 193 
G49 C2     C  N N 194 
G49 N2     N  N N 195 
G49 CM2    C  N N 196 
G49 N3     N  N N 197 
G49 C4     C  Y N 198 
G49 H2P    H  N N 199 
G49 H3P    H  N N 200 
G49 "H5'1" H  N N 201 
G49 "H5'2" H  N N 202 
G49 "H4'"  H  N N 203 
G49 "H3'"  H  N N 204 
G49 HA     H  N N 205 
G49 "H2'1" H  N N 206 
G49 "H2'2" H  N N 207 
G49 "H1'"  H  N N 208 
G49 H8     H  N N 209 
G49 H1     H  N N 210 
G49 H2     H  N N 211 
G49 HM21   H  N N 212 
G49 HM22   H  N N 213 
G49 HM23   H  N N 214 
HOH O      O  N N 215 
HOH H1     H  N N 216 
HOH H2     H  N N 217 
# 
loop_
_chem_comp_bond.comp_id 
_chem_comp_bond.atom_id_1 
_chem_comp_bond.atom_id_2 
_chem_comp_bond.value_order 
_chem_comp_bond.pdbx_aromatic_flag 
_chem_comp_bond.pdbx_stereo_config 
_chem_comp_bond.pdbx_ordinal 
DC  OP3   P      sing N N 1   
DC  OP3   HOP3   sing N N 2   
DC  P     OP1    doub N N 3   
DC  P     OP2    sing N N 4   
DC  P     "O5'"  sing N N 5   
DC  OP2   HOP2   sing N N 6   
DC  "O5'" "C5'"  sing N N 7   
DC  "C5'" "C4'"  sing N N 8   
DC  "C5'" "H5'"  sing N N 9   
DC  "C5'" "H5''" sing N N 10  
DC  "C4'" "O4'"  sing N N 11  
DC  "C4'" "C3'"  sing N N 12  
DC  "C4'" "H4'"  sing N N 13  
DC  "O4'" "C1'"  sing N N 14  
DC  "C3'" "O3'"  sing N N 15  
DC  "C3'" "C2'"  sing N N 16  
DC  "C3'" "H3'"  sing N N 17  
DC  "O3'" "HO3'" sing N N 18  
DC  "C2'" "C1'"  sing N N 19  
DC  "C2'" "H2'"  sing N N 20  
DC  "C2'" "H2''" sing N N 21  
DC  "C1'" N1     sing N N 22  
DC  "C1'" "H1'"  sing N N 23  
DC  N1    C2     sing N N 24  
DC  N1    C6     sing N N 25  
DC  C2    O2     doub N N 26  
DC  C2    N3     sing N N 27  
DC  N3    C4     doub N N 28  
DC  C4    N4     sing N N 29  
DC  C4    C5     sing N N 30  
DC  N4    H41    sing N N 31  
DC  N4    H42    sing N N 32  
DC  C5    C6     doub N N 33  
DC  C5    H5     sing N N 34  
DC  C6    H6     sing N N 35  
DG  OP3   P      sing N N 36  
DG  OP3   HOP3   sing N N 37  
DG  P     OP1    doub N N 38  
DG  P     OP2    sing N N 39  
DG  P     "O5'"  sing N N 40  
DG  OP2   HOP2   sing N N 41  
DG  "O5'" "C5'"  sing N N 42  
DG  "C5'" "C4'"  sing N N 43  
DG  "C5'" "H5'"  sing N N 44  
DG  "C5'" "H5''" sing N N 45  
DG  "C4'" "O4'"  sing N N 46  
DG  "C4'" "C3'"  sing N N 47  
DG  "C4'" "H4'"  sing N N 48  
DG  "O4'" "C1'"  sing N N 49  
DG  "C3'" "O3'"  sing N N 50  
DG  "C3'" "C2'"  sing N N 51  
DG  "C3'" "H3'"  sing N N 52  
DG  "O3'" "HO3'" sing N N 53  
DG  "C2'" "C1'"  sing N N 54  
DG  "C2'" "H2'"  sing N N 55  
DG  "C2'" "H2''" sing N N 56  
DG  "C1'" N9     sing N N 57  
DG  "C1'" "H1'"  sing N N 58  
DG  N9    C8     sing Y N 59  
DG  N9    C4     sing Y N 60  
DG  C8    N7     doub Y N 61  
DG  C8    H8     sing N N 62  
DG  N7    C5     sing Y N 63  
DG  C5    C6     sing N N 64  
DG  C5    C4     doub Y N 65  
DG  C6    O6     doub N N 66  
DG  C6    N1     sing N N 67  
DG  N1    C2     sing N N 68  
DG  N1    H1     sing N N 69  
DG  C2    N2     sing N N 70  
DG  C2    N3     doub N N 71  
DG  N2    H21    sing N N 72  
DG  N2    H22    sing N N 73  
DG  N3    C4     sing N N 74  
DM8 C1    C2     doub Y N 75  
DM8 C1    C15    sing Y N 76  
DM8 C1    H1     sing N N 77  
DM8 C2    C3     sing Y N 78  
DM8 C2    H2     sing N N 79  
DM8 C3    C4     doub Y N 80  
DM8 C3    H3     sing N N 81  
DM8 C4    C16    sing Y N 82  
DM8 C4    O4     sing N N 83  
DM8 C5    C16    sing N N 84  
DM8 C5    C17    sing N N 85  
DM8 C5    O5     doub N N 86  
DM8 C6    C17    doub Y N 87  
DM8 C6    C20    sing Y N 88  
DM8 C6    O6     sing N N 89  
DM8 C7    C8     sing N N 90  
DM8 C7    C20    sing N N 91  
DM8 C7    O7     sing N N 92  
DM8 C7    H7     sing N N 93  
DM8 C8    C9     sing N N 94  
DM8 C8    H81    sing N N 95  
DM8 C8    H82    sing N N 96  
DM8 C9    C10    sing N N 97  
DM8 C9    C13    sing N N 98  
DM8 C9    O9     sing N N 99  
DM8 C10   C19    sing N N 100 
DM8 C10   H101   sing N N 101 
DM8 C10   H102   sing N N 102 
DM8 C11   C18    doub Y N 103 
DM8 C11   C19    sing Y N 104 
DM8 C11   O11    sing N N 105 
DM8 C12   C15    sing N N 106 
DM8 C12   C18    sing N N 107 
DM8 C12   O12    doub N N 108 
DM8 C13   C14    sing N N 109 
DM8 C13   O13    doub N N 110 
DM8 C14   H141   sing N N 111 
DM8 C14   H142   sing N N 112 
DM8 C14   H143   sing N N 113 
DM8 C15   C16    doub Y N 114 
DM8 C17   C18    sing Y N 115 
DM8 C19   C20    doub Y N 116 
DM8 C21   O4     sing N N 117 
DM8 C21   H211   sing N N 118 
DM8 C21   H212   sing N N 119 
DM8 C21   H213   sing N N 120 
DM8 O6    H6     sing N N 121 
DM8 O7    "C1'"  sing N N 122 
DM8 O9    H9     sing N N 123 
DM8 O11   H11    sing N N 124 
DM8 "C1'" "C2'"  sing N N 125 
DM8 "C1'" "O5'"  sing N N 126 
DM8 "C1'" "H1'"  sing N N 127 
DM8 "C2'" "C3'"  sing N N 128 
DM8 "C2'" BR     sing N N 129 
DM8 "C2'" "H2'"  sing N N 130 
DM8 "C3'" "C4'"  sing N N 131 
DM8 "C3'" "N3'"  sing N N 132 
DM8 "C3'" "H3'"  sing N N 133 
DM8 "C4'" "C5'"  sing N N 134 
DM8 "C4'" "O4'"  sing N N 135 
DM8 "C4'" "H4'"  sing N N 136 
DM8 "C5'" "C6'"  sing N N 137 
DM8 "C5'" "O5'"  sing N N 138 
DM8 "C5'" "H5'"  sing N N 139 
DM8 "C6'" "H6'1" sing N N 140 
DM8 "C6'" "H6'2" sing N N 141 
DM8 "C6'" "H6'3" sing N N 142 
DM8 "O4'" "HO4'" sing N N 143 
DM8 "N3'" "HN'1" sing N N 144 
DM8 "N3'" "HN'2" sing N N 145 
DT  OP3   P      sing N N 146 
DT  OP3   HOP3   sing N N 147 
DT  P     OP1    doub N N 148 
DT  P     OP2    sing N N 149 
DT  P     "O5'"  sing N N 150 
DT  OP2   HOP2   sing N N 151 
DT  "O5'" "C5'"  sing N N 152 
DT  "C5'" "C4'"  sing N N 153 
DT  "C5'" "H5'"  sing N N 154 
DT  "C5'" "H5''" sing N N 155 
DT  "C4'" "O4'"  sing N N 156 
DT  "C4'" "C3'"  sing N N 157 
DT  "C4'" "H4'"  sing N N 158 
DT  "O4'" "C1'"  sing N N 159 
DT  "C3'" "O3'"  sing N N 160 
DT  "C3'" "C2'"  sing N N 161 
DT  "C3'" "H3'"  sing N N 162 
DT  "O3'" "HO3'" sing N N 163 
DT  "C2'" "C1'"  sing N N 164 
DT  "C2'" "H2'"  sing N N 165 
DT  "C2'" "H2''" sing N N 166 
DT  "C1'" N1     sing N N 167 
DT  "C1'" "H1'"  sing N N 168 
DT  N1    C2     sing N N 169 
DT  N1    C6     sing N N 170 
DT  C2    O2     doub N N 171 
DT  C2    N3     sing N N 172 
DT  N3    C4     sing N N 173 
DT  N3    H3     sing N N 174 
DT  C4    O4     doub N N 175 
DT  C4    C5     sing N N 176 
DT  C5    C7     sing N N 177 
DT  C5    C6     doub N N 178 
DT  C7    H71    sing N N 179 
DT  C7    H72    sing N N 180 
DT  C7    H73    sing N N 181 
DT  C6    H6     sing N N 182 
G49 P     O1P    doub N N 183 
G49 P     O2P    sing N N 184 
G49 P     O3P    sing N N 185 
G49 P     "O5'"  sing N N 186 
G49 O2P   H2P    sing N N 187 
G49 O3P   H3P    sing N N 188 
G49 "O5'" "C5'"  sing N N 189 
G49 "C5'" "C4'"  sing N N 190 
G49 "C5'" "H5'1" sing N N 191 
G49 "C5'" "H5'2" sing N N 192 
G49 "C4'" "O4'"  sing N N 193 
G49 "C4'" "C3'"  sing N N 194 
G49 "C4'" "H4'"  sing N N 195 
G49 "O4'" "C1'"  sing N N 196 
G49 "C3'" "O3'"  sing N N 197 
G49 "C3'" "C2'"  sing N N 198 
G49 "C3'" "H3'"  sing N N 199 
G49 "O3'" HA     sing N N 200 
G49 "C2'" "C1'"  sing N N 201 
G49 "C2'" "H2'1" sing N N 202 
G49 "C2'" "H2'2" sing N N 203 
G49 "C1'" N9     sing N N 204 
G49 "C1'" "H1'"  sing N N 205 
G49 N9    C8     sing Y N 206 
G49 N9    C4     sing Y N 207 
G49 C8    N7     doub Y N 208 
G49 C8    H8     sing N N 209 
G49 N7    C5     sing Y N 210 
G49 C5    C6     sing N N 211 
G49 C5    C4     doub Y N 212 
G49 C6    O6     doub N N 213 
G49 C6    N1     sing N N 214 
G49 N1    C2     sing N N 215 
G49 N1    H1     sing N N 216 
G49 C2    N2     sing N N 217 
G49 C2    N3     doub N N 218 
G49 N2    CM2    sing N N 219 
G49 N2    H2     sing N N 220 
G49 CM2   HM21   sing N N 221 
G49 CM2   HM22   sing N N 222 
G49 CM2   HM23   sing N N 223 
G49 N3    C4     sing N N 224 
HOH O     H1     sing N N 225 
HOH O     H2     sing N N 226 
# 
loop_
_ndb_struct_conf_na.entry_id 
_ndb_struct_conf_na.feature 
381D 'double helix'         
381D 'mismatched base pair' 
# 
loop_
_ndb_struct_na_base_pair.model_number 
_ndb_struct_na_base_pair.i_label_asym_id 
_ndb_struct_na_base_pair.i_label_comp_id 
_ndb_struct_na_base_pair.i_label_seq_id 
_ndb_struct_na_base_pair.i_symmetry 
_ndb_struct_na_base_pair.j_label_asym_id 
_ndb_struct_na_base_pair.j_label_comp_id 
_ndb_struct_na_base_pair.j_label_seq_id 
_ndb_struct_na_base_pair.j_symmetry 
_ndb_struct_na_base_pair.shear 
_ndb_struct_na_base_pair.stretch 
_ndb_struct_na_base_pair.stagger 
_ndb_struct_na_base_pair.buckle 
_ndb_struct_na_base_pair.propeller 
_ndb_struct_na_base_pair.opening 
_ndb_struct_na_base_pair.pair_number 
_ndb_struct_na_base_pair.pair_name 
_ndb_struct_na_base_pair.i_auth_asym_id 
_ndb_struct_na_base_pair.i_auth_seq_id 
_ndb_struct_na_base_pair.i_PDB_ins_code 
_ndb_struct_na_base_pair.j_auth_asym_id 
_ndb_struct_na_base_pair.j_auth_seq_id 
_ndb_struct_na_base_pair.j_PDB_ins_code 
_ndb_struct_na_base_pair.hbond_type_28 
_ndb_struct_na_base_pair.hbond_type_12 
1 A DT 1 1_555 B DG  6 1_555 -0.461 0.643  -0.302 7.006   -9.598 -163.318 1 A_DT1:DG12_B A 1 ? B 12 ? 27 2 
1 A DG 2 1_555 B DC  5 1_555 -0.156 -0.043 -0.085 -9.205  0.259  6.585    2 A_DG2:DC11_B A 2 ? B 11 ? 19 1 
1 A DG 3 1_555 B DC  4 1_555 -0.305 -0.079 0.125  3.514   -6.844 -1.589   3 A_DG3:DC10_B A 3 ? B 10 ? 19 1 
1 A DC 4 1_555 B G49 3 1_555 0.291  -0.218 0.250  -7.953  -5.581 -5.013   4 A_DC4:G499_B A 4 ? B 9  ? 19 1 
1 A DC 5 1_555 B DG  2 1_555 0.404  -0.328 -0.108 9.697   8.419  3.830    5 A_DC5:DG8_B  A 5 ? B 8  ? 19 1 
1 A DG 6 1_555 B DT  1 1_555 0.508  -1.306 -0.122 -12.349 0.060  167.182  6 A_DG6:DT7_B  A 6 ? B 7  ? 27 2 
# 
loop_
_ndb_struct_na_base_pair_step.model_number 
_ndb_struct_na_base_pair_step.i_label_asym_id_1 
_ndb_struct_na_base_pair_step.i_label_comp_id_1 
_ndb_struct_na_base_pair_step.i_label_seq_id_1 
_ndb_struct_na_base_pair_step.i_symmetry_1 
_ndb_struct_na_base_pair_step.j_label_asym_id_1 
_ndb_struct_na_base_pair_step.j_label_comp_id_1 
_ndb_struct_na_base_pair_step.j_label_seq_id_1 
_ndb_struct_na_base_pair_step.j_symmetry_1 
_ndb_struct_na_base_pair_step.i_label_asym_id_2 
_ndb_struct_na_base_pair_step.i_label_comp_id_2 
_ndb_struct_na_base_pair_step.i_label_seq_id_2 
_ndb_struct_na_base_pair_step.i_symmetry_2 
_ndb_struct_na_base_pair_step.j_label_asym_id_2 
_ndb_struct_na_base_pair_step.j_label_comp_id_2 
_ndb_struct_na_base_pair_step.j_label_seq_id_2 
_ndb_struct_na_base_pair_step.j_symmetry_2 
_ndb_struct_na_base_pair_step.shift 
_ndb_struct_na_base_pair_step.slide 
_ndb_struct_na_base_pair_step.rise 
_ndb_struct_na_base_pair_step.tilt 
_ndb_struct_na_base_pair_step.roll 
_ndb_struct_na_base_pair_step.twist 
_ndb_struct_na_base_pair_step.x_displacement 
_ndb_struct_na_base_pair_step.y_displacement 
_ndb_struct_na_base_pair_step.helical_rise 
_ndb_struct_na_base_pair_step.inclination 
_ndb_struct_na_base_pair_step.tip 
_ndb_struct_na_base_pair_step.helical_twist 
_ndb_struct_na_base_pair_step.step_number 
_ndb_struct_na_base_pair_step.step_name 
_ndb_struct_na_base_pair_step.i_auth_asym_id_1 
_ndb_struct_na_base_pair_step.i_auth_seq_id_1 
_ndb_struct_na_base_pair_step.i_PDB_ins_code_1 
_ndb_struct_na_base_pair_step.j_auth_asym_id_1 
_ndb_struct_na_base_pair_step.j_auth_seq_id_1 
_ndb_struct_na_base_pair_step.j_PDB_ins_code_1 
_ndb_struct_na_base_pair_step.i_auth_asym_id_2 
_ndb_struct_na_base_pair_step.i_auth_seq_id_2 
_ndb_struct_na_base_pair_step.i_PDB_ins_code_2 
_ndb_struct_na_base_pair_step.j_auth_asym_id_2 
_ndb_struct_na_base_pair_step.j_auth_seq_id_2 
_ndb_struct_na_base_pair_step.j_PDB_ins_code_2 
1 A DT 1 1_555 B DG  6 1_555 A DG 2 1_555 B DC  5 1_555 2.817  -0.525 6.894  -6.840   1.297  -26.928 0.402  2.218  7.387  -2.728  
-14.386 -27.797  1 AA_DT1DG2:DC11DG12_BB A 1 ? B 12 ? A 2 ? B 11 ? 
1 A DG 2 1_555 B DC  5 1_555 A DG 3 1_555 B DC  4 1_555 -0.625 0.176  3.044  -1.997   8.443  26.420  -1.556 0.847  2.994  17.871  
4.226   27.784   2 AA_DG2DG3:DC10DC11_BB A 2 ? B 11 ? A 3 ? B 10 ? 
1 A DG 3 1_555 B DC  4 1_555 A DC 4 1_555 B G49 3 1_555 -0.335 -0.358 3.572  -3.635   1.590  35.778  -0.827 -0.024 3.569  2.579   
5.895   35.990   3 AA_DG3DC4:G499DC10_BB A 3 ? B 10 ? A 4 ? B 9  ? 
1 A DC 4 1_555 B G49 3 1_555 A DC 5 1_555 B DG  2 1_555 1.312  0.329  3.062  5.548    5.194  30.935  -0.329 -1.400 3.253  9.557   
-10.210 31.833   4 AA_DC4DC5:DG8G499_BB  A 4 ? B 9  ? A 5 ? B 8  ? 
1 A DC 5 1_555 B DG  2 1_555 A DG 6 1_555 B DT  1 1_555 -2.953 -6.180 -2.864 -165.972 32.024 -82.328 3.358  -0.132 -3.189 -16.366 
-84.820 -171.750 5 AA_DC5DG6:DT7DG8_BB   A 5 ? B 8  ? A 6 ? B 7  ? 
# 
_atom_sites.entry_id                    381D 
_atom_sites.fract_transf_matrix[1][1]   0.02050127 
_atom_sites.fract_transf_matrix[1][2]   -0.01709538 
_atom_sites.fract_transf_matrix[1][3]   0.00317614 
_atom_sites.fract_transf_matrix[2][1]   0.00722276 
_atom_sites.fract_transf_matrix[2][2]   0.00390605 
_atom_sites.fract_transf_matrix[2][3]   -0.02559720 
_atom_sites.fract_transf_matrix[3][1]   0.00834204 
_atom_sites.fract_transf_matrix[3][2]   0.01074600 
_atom_sites.fract_transf_matrix[3][3]   0.00399368 
_atom_sites.fract_transf_vector[1]      0.113997 
_atom_sites.fract_transf_vector[2]      0.612730 
_atom_sites.fract_transf_vector[3]      0.147204 
# 
loop_
_atom_type.symbol 
BR 
C  
N  
O  
P  
# 
loop_
_atom_site.group_PDB 
_atom_site.id 
_atom_site.type_symbol 
_atom_site.label_atom_id 
_atom_site.label_alt_id 
_atom_site.label_comp_id 
_atom_site.label_asym_id 
_atom_site.label_entity_id 
_atom_site.label_seq_id 
_atom_site.pdbx_PDB_ins_code 
_atom_site.Cartn_x 
_atom_site.Cartn_y 
_atom_site.Cartn_z 
_atom_site.occupancy 
_atom_site.B_iso_or_equiv 
_atom_site.pdbx_formal_charge 
_atom_site.auth_seq_id 
_atom_site.auth_comp_id 
_atom_site.auth_asym_id 
_atom_site.auth_atom_id 
_atom_site.pdbx_PDB_model_num 
ATOM   1   O  "O5'" . DT  A 1 1 ? 1.953   -10.450 -5.970  1.00 43.81 ? 1  DT  A "O5'" 1 
ATOM   2   C  "C5'" . DT  A 1 1 ? 3.064   -11.235 -6.432  1.00 41.02 ? 1  DT  A "C5'" 1 
ATOM   3   C  "C4'" . DT  A 1 1 ? 4.192   -11.358 -5.431  1.00 38.25 ? 1  DT  A "C4'" 1 
ATOM   4   O  "O4'" . DT  A 1 1 ? 5.372   -10.670 -5.909  1.00 38.25 ? 1  DT  A "O4'" 1 
ATOM   5   C  "C3'" . DT  A 1 1 ? 3.892   -10.728 -4.081  1.00 40.78 ? 1  DT  A "C3'" 1 
ATOM   6   O  "O3'" . DT  A 1 1 ? 4.561   -11.445 -3.045  1.00 39.78 ? 1  DT  A "O3'" 1 
ATOM   7   C  "C2'" . DT  A 1 1 ? 4.461   -9.329  -4.226  1.00 35.17 ? 1  DT  A "C2'" 1 
ATOM   8   C  "C1'" . DT  A 1 1 ? 5.686   -9.570  -5.078  1.00 25.76 ? 1  DT  A "C1'" 1 
ATOM   9   N  N1    . DT  A 1 1 ? 5.961   -8.441  -5.950  1.00 27.01 ? 1  DT  A N1    1 
ATOM   10  C  C2    . DT  A 1 1 ? 7.080   -7.699  -5.713  1.00 28.56 ? 1  DT  A C2    1 
ATOM   11  O  O2    . DT  A 1 1 ? 7.878   -7.958  -4.819  1.00 27.66 ? 1  DT  A O2    1 
ATOM   12  N  N3    . DT  A 1 1 ? 7.244   -6.641  -6.576  1.00 24.67 ? 1  DT  A N3    1 
ATOM   13  C  C4    . DT  A 1 1 ? 6.434   -6.270  -7.611  1.00 22.87 ? 1  DT  A C4    1 
ATOM   14  O  O4    . DT  A 1 1 ? 6.711   -5.264  -8.260  1.00 28.37 ? 1  DT  A O4    1 
ATOM   15  C  C5    . DT  A 1 1 ? 5.302   -7.125  -7.835  1.00 20.71 ? 1  DT  A C5    1 
ATOM   16  C  C7    . DT  A 1 1 ? 4.410   -6.862  -9.003  1.00 20.65 ? 1  DT  A C7    1 
ATOM   17  C  C6    . DT  A 1 1 ? 5.109   -8.142  -6.989  1.00 20.58 ? 1  DT  A C6    1 
ATOM   18  P  P     . DG  A 1 2 ? 4.020   -11.322 -1.547  1.00 41.23 ? 2  DG  A P     1 
ATOM   19  O  OP1   . DG  A 1 2 ? 4.733   -12.301 -0.694  1.00 50.37 ? 2  DG  A OP1   1 
ATOM   20  O  OP2   . DG  A 1 2 ? 2.532   -11.374 -1.638  1.00 38.81 ? 2  DG  A OP2   1 
ATOM   21  O  "O5'" . DG  A 1 2 ? 4.491   -9.862  -1.110  1.00 41.08 ? 2  DG  A "O5'" 1 
ATOM   22  C  "C5'" . DG  A 1 2 ? 5.865   -9.432  -1.254  1.00 39.02 ? 2  DG  A "C5'" 1 
ATOM   23  C  "C4'" . DG  A 1 2 ? 6.187   -8.370  -0.225  1.00 35.35 ? 2  DG  A "C4'" 1 
ATOM   24  O  "O4'" . DG  A 1 2 ? 5.772   -7.070  -0.700  1.00 36.34 ? 2  DG  A "O4'" 1 
ATOM   25  C  "C3'" . DG  A 1 2 ? 5.414   -8.577  1.066   1.00 41.54 ? 2  DG  A "C3'" 1 
ATOM   26  O  "O3'" . DG  A 1 2 ? 6.136   -8.068  2.176   1.00 49.81 ? 2  DG  A "O3'" 1 
ATOM   27  C  "C2'" . DG  A 1 2 ? 4.139   -7.780  0.848   1.00 29.67 ? 2  DG  A "C2'" 1 
ATOM   28  C  "C1'" . DG  A 1 2 ? 4.593   -6.633  -0.023  1.00 25.16 ? 2  DG  A "C1'" 1 
ATOM   29  N  N9    . DG  A 1 2 ? 3.610   -6.234  -1.029  1.00 17.74 ? 2  DG  A N9    1 
ATOM   30  C  C8    . DG  A 1 2 ? 2.583   -6.993  -1.544  1.00 19.74 ? 2  DG  A C8    1 
ATOM   31  N  N7    . DG  A 1 2 ? 1.859   -6.347  -2.427  1.00 18.03 ? 2  DG  A N7    1 
ATOM   32  C  C5    . DG  A 1 2 ? 2.448   -5.085  -2.488  1.00 17.49 ? 2  DG  A C5    1 
ATOM   33  C  C6    . DG  A 1 2 ? 2.108   -3.950  -3.256  1.00 21.38 ? 2  DG  A C6    1 
ATOM   34  O  O6    . DG  A 1 2 ? 1.168   -3.814  -4.059  1.00 30.97 ? 2  DG  A O6    1 
ATOM   35  N  N1    . DG  A 1 2 ? 2.985   -2.888  -3.026  1.00 19.84 ? 2  DG  A N1    1 
ATOM   36  C  C2    . DG  A 1 2 ? 4.047   -2.917  -2.167  1.00 17.74 ? 2  DG  A C2    1 
ATOM   37  N  N2    . DG  A 1 2 ? 4.790   -1.800  -2.094  1.00 19.02 ? 2  DG  A N2    1 
ATOM   38  N  N3    . DG  A 1 2 ? 4.365   -3.959  -1.434  1.00 19.06 ? 2  DG  A N3    1 
ATOM   39  C  C4    . DG  A 1 2 ? 3.531   -5.005  -1.642  1.00 17.12 ? 2  DG  A C4    1 
ATOM   40  P  P     . DG  A 1 3 ? 5.504   -8.196  3.642   1.00 59.99 ? 3  DG  A P     1 
ATOM   41  O  OP1   . DG  A 1 3 ? 6.338   -9.201  4.365   1.00 62.40 ? 3  DG  A OP1   1 
ATOM   42  O  OP2   . DG  A 1 3 ? 4.022   -8.409  3.520   1.00 58.73 ? 3  DG  A OP2   1 
ATOM   43  O  "O5'" . DG  A 1 3 ? 5.713   -6.755  4.285   1.00 52.05 ? 3  DG  A "O5'" 1 
ATOM   44  C  "C5'" . DG  A 1 3 ? 6.541   -5.779  3.644   1.00 43.76 ? 3  DG  A "C5'" 1 
ATOM   45  C  "C4'" . DG  A 1 3 ? 6.041   -4.391  3.958   1.00 42.97 ? 3  DG  A "C4'" 1 
ATOM   46  O  "O4'" . DG  A 1 3 ? 5.244   -3.889  2.859   1.00 39.83 ? 3  DG  A "O4'" 1 
ATOM   47  C  "C3'" . DG  A 1 3 ? 5.169   -4.304  5.210   1.00 38.31 ? 3  DG  A "C3'" 1 
ATOM   48  O  "O3'" . DG  A 1 3 ? 5.644   -3.241  6.034   1.00 42.52 ? 3  DG  A "O3'" 1 
ATOM   49  C  "C2'" . DG  A 1 3 ? 3.782   -4.010  4.669   1.00 32.69 ? 3  DG  A "C2'" 1 
ATOM   50  C  "C1'" . DG  A 1 3 ? 4.066   -3.304  3.360   1.00 28.81 ? 3  DG  A "C1'" 1 
ATOM   51  N  N9    . DG  A 1 3 ? 3.029   -3.490  2.359   1.00 20.62 ? 3  DG  A N9    1 
ATOM   52  C  C8    . DG  A 1 3 ? 2.249   -4.597  2.170   1.00 16.22 ? 3  DG  A C8    1 
ATOM   53  N  N7    . DG  A 1 3 ? 1.387   -4.455  1.200   1.00 20.43 ? 3  DG  A N7    1 
ATOM   54  C  C5    . DG  A 1 3 ? 1.622   -3.173  0.720   1.00 21.75 ? 3  DG  A C5    1 
ATOM   55  C  C6    . DG  A 1 3 ? 0.988   -2.442  -0.327  1.00 18.13 ? 3  DG  A C6    1 
ATOM   56  O  O6    . DG  A 1 3 ? 0.061   -2.796  -1.075  1.00 23.30 ? 3  DG  A O6    1 
ATOM   57  N  N1    . DG  A 1 3 ? 1.532   -1.175  -0.461  1.00 16.37 ? 3  DG  A N1    1 
ATOM   58  C  C2    . DG  A 1 3 ? 2.545   -0.671  0.308   1.00 20.07 ? 3  DG  A C2    1 
ATOM   59  N  N2    . DG  A 1 3 ? 2.905   0.579   0.052   1.00 22.56 ? 3  DG  A N2    1 
ATOM   60  N  N3    . DG  A 1 3 ? 3.156   -1.337  1.264   1.00 25.22 ? 3  DG  A N3    1 
ATOM   61  C  C4    . DG  A 1 3 ? 2.640   -2.572  1.422   1.00 21.70 ? 3  DG  A C4    1 
ATOM   62  P  P     . DC  A 1 4 ? 4.848   -2.844  7.370   1.00 46.72 ? 4  DC  A P     1 
ATOM   63  O  OP1   . DC  A 1 4 ? 5.813   -2.932  8.471   1.00 50.91 ? 4  DC  A OP1   1 
ATOM   64  O  OP2   . DC  A 1 4 ? 3.542   -3.567  7.471   1.00 47.47 ? 4  DC  A OP2   1 
ATOM   65  O  "O5'" . DC  A 1 4 ? 4.535   -1.303  7.151   1.00 46.16 ? 4  DC  A "O5'" 1 
ATOM   66  C  "C5'" . DC  A 1 4 ? 5.468   -0.453  6.453   1.00 38.90 ? 4  DC  A "C5'" 1 
ATOM   67  C  "C4'" . DC  A 1 4 ? 4.731   0.708   5.830   1.00 27.69 ? 4  DC  A "C4'" 1 
ATOM   68  O  "O4'" . DC  A 1 4 ? 3.996   0.216   4.696   1.00 29.33 ? 4  DC  A "O4'" 1 
ATOM   69  C  "C3'" . DC  A 1 4 ? 3.679   1.286   6.766   1.00 30.16 ? 4  DC  A "C3'" 1 
ATOM   70  O  "O3'" . DC  A 1 4 ? 4.166   2.471   7.392   1.00 32.22 ? 4  DC  A "O3'" 1 
ATOM   71  C  "C2'" . DC  A 1 4 ? 2.483   1.580   5.875   1.00 27.92 ? 4  DC  A "C2'" 1 
ATOM   72  C  "C1'" . DC  A 1 4 ? 2.826   0.977   4.528   1.00 25.28 ? 4  DC  A "C1'" 1 
ATOM   73  N  N1    . DC  A 1 4 ? 1.787   0.089   4.000   1.00 26.01 ? 4  DC  A N1    1 
ATOM   74  C  C2    . DC  A 1 4 ? 0.892   0.605   3.065   1.00 27.60 ? 4  DC  A C2    1 
ATOM   75  O  O2    . DC  A 1 4 ? 0.990   1.810   2.734   1.00 33.80 ? 4  DC  A O2    1 
ATOM   76  N  N3    . DC  A 1 4 ? -0.071  -0.201  2.552   1.00 24.91 ? 4  DC  A N3    1 
ATOM   77  C  C4    . DC  A 1 4 ? -0.169  -1.461  2.961   1.00 21.64 ? 4  DC  A C4    1 
ATOM   78  N  N4    . DC  A 1 4 ? -1.139  -2.195  2.443   1.00 26.37 ? 4  DC  A N4    1 
ATOM   79  C  C5    . DC  A 1 4 ? 0.725   -2.017  3.924   1.00 24.86 ? 4  DC  A C5    1 
ATOM   80  C  C6    . DC  A 1 4 ? 1.689   -1.213  4.410   1.00 26.57 ? 4  DC  A C6    1 
ATOM   81  P  P     . DC  A 1 5 ? 3.449   3.007   8.711   1.00 29.54 ? 5  DC  A P     1 
ATOM   82  O  OP1   . DC  A 1 5 ? 4.216   4.156   9.247   1.00 32.04 ? 5  DC  A OP1   1 
ATOM   83  O  OP2   . DC  A 1 5 ? 3.255   1.812   9.549   1.00 33.03 ? 5  DC  A OP2   1 
ATOM   84  O  "O5'" . DC  A 1 5 ? 2.029   3.499   8.189   1.00 20.95 ? 5  DC  A "O5'" 1 
ATOM   85  C  "C5'" . DC  A 1 5 ? 1.863   4.821   7.621   1.00 26.39 ? 5  DC  A "C5'" 1 
ATOM   86  C  "C4'" . DC  A 1 5 ? 0.432   5.039   7.179   1.00 14.76 ? 5  DC  A "C4'" 1 
ATOM   87  O  "O4'" . DC  A 1 5 ? 0.042   3.952   6.297   1.00 26.98 ? 5  DC  A "O4'" 1 
ATOM   88  C  "C3'" . DC  A 1 5 ? -0.603  5.083   8.314   1.00 20.08 ? 5  DC  A "C3'" 1 
ATOM   89  O  "O3'" . DC  A 1 5 ? -1.460  6.236   8.197   1.00 24.91 ? 5  DC  A "O3'" 1 
ATOM   90  C  "C2'" . DC  A 1 5 ? -1.429  3.829   8.091   1.00 21.83 ? 5  DC  A "C2'" 1 
ATOM   91  C  "C1'" . DC  A 1 5 ? -1.285  3.583   6.602   1.00 21.06 ? 5  DC  A "C1'" 1 
ATOM   92  N  N1    . DC  A 1 5 ? -1.448  2.164   6.284   1.00 21.21 ? 5  DC  A N1    1 
ATOM   93  C  C2    . DC  A 1 5 ? -2.231  1.803   5.211   1.00 18.49 ? 5  DC  A C2    1 
ATOM   94  O  O2    . DC  A 1 5 ? -2.667  2.686   4.469   1.00 24.38 ? 5  DC  A O2    1 
ATOM   95  N  N3    . DC  A 1 5 ? -2.495  0.497   4.996   1.00 20.84 ? 5  DC  A N3    1 
ATOM   96  C  C4    . DC  A 1 5 ? -1.980  -0.429  5.812   1.00 22.50 ? 5  DC  A C4    1 
ATOM   97  N  N4    . DC  A 1 5 ? -2.333  -1.704  5.626   1.00 21.21 ? 5  DC  A N4    1 
ATOM   98  C  C5    . DC  A 1 5 ? -1.100  -0.086  6.873   1.00 22.16 ? 5  DC  A C5    1 
ATOM   99  C  C6    . DC  A 1 5 ? -0.864  1.211   7.070   1.00 21.33 ? 5  DC  A C6    1 
ATOM   100 P  P     . DG  A 1 6 ? -2.062  6.955   9.516   1.00 23.39 ? 6  DG  A P     1 
ATOM   101 O  OP1   . DG  A 1 6 ? -0.968  7.639   10.275  1.00 24.26 ? 6  DG  A OP1   1 
ATOM   102 O  OP2   . DG  A 1 6 ? -2.964  6.016   10.214  1.00 32.22 ? 6  DG  A OP2   1 
ATOM   103 O  "O5'" . DG  A 1 6 ? -2.995  8.096   8.931   1.00 24.13 ? 6  DG  A "O5'" 1 
ATOM   104 C  "C5'" . DG  A 1 6 ? -3.813  7.879   7.770   1.00 19.65 ? 6  DG  A "C5'" 1 
ATOM   105 C  "C4'" . DG  A 1 6 ? -4.717  9.072   7.566   1.00 19.28 ? 6  DG  A "C4'" 1 
ATOM   106 O  "O4'" . DG  A 1 6 ? -5.657  8.820   6.493   1.00 29.92 ? 6  DG  A "O4'" 1 
ATOM   107 C  "C3'" . DG  A 1 6 ? -5.568  9.375   8.790   1.00 17.04 ? 6  DG  A "C3'" 1 
ATOM   108 O  "O3'" . DG  A 1 6 ? -5.792  10.770  8.833   1.00 37.53 ? 6  DG  A "O3'" 1 
ATOM   109 C  "C2'" . DG  A 1 6 ? -6.868  8.662   8.477   1.00 22.41 ? 6  DG  A "C2'" 1 
ATOM   110 C  "C1'" . DG  A 1 6 ? -6.983  8.914   6.994   1.00 19.28 ? 6  DG  A "C1'" 1 
ATOM   111 N  N9    . DG  A 1 6 ? -7.813  7.965   6.256   1.00 16.77 ? 6  DG  A N9    1 
ATOM   112 C  C8    . DG  A 1 6 ? -8.560  8.235   5.133   1.00 16.51 ? 6  DG  A C8    1 
ATOM   113 N  N7    . DG  A 1 6 ? -9.215  7.195   4.693   1.00 20.90 ? 6  DG  A N7    1 
ATOM   114 C  C5    . DG  A 1 6 ? -8.879  6.181   5.588   1.00 16.50 ? 6  DG  A C5    1 
ATOM   115 C  C6    . DG  A 1 6 ? -9.282  4.853   5.631   1.00 16.93 ? 6  DG  A C6    1 
ATOM   116 O  O6    . DG  A 1 6 ? -10.052 4.280   4.889   1.00 26.19 ? 6  DG  A O6    1 
ATOM   117 N  N1    . DG  A 1 6 ? -8.700  4.172   6.676   1.00 15.86 ? 6  DG  A N1    1 
ATOM   118 C  C2    . DG  A 1 6 ? -7.847  4.713   7.570   1.00 17.47 ? 6  DG  A C2    1 
ATOM   119 N  N2    . DG  A 1 6 ? -7.394  3.895   8.518   1.00 28.24 ? 6  DG  A N2    1 
ATOM   120 N  N3    . DG  A 1 6 ? -7.460  5.959   7.553   1.00 16.76 ? 6  DG  A N3    1 
ATOM   121 C  C4    . DG  A 1 6 ? -8.011  6.636   6.543   1.00 13.84 ? 6  DG  A C4    1 
ATOM   122 O  "O5'" . DT  B 2 1 ? -10.863 -4.327  3.633   1.00 52.36 ? 7  DT  B "O5'" 1 
ATOM   123 C  "C5'" . DT  B 2 1 ? -12.240 -4.441  3.253   1.00 39.38 ? 7  DT  B "C5'" 1 
ATOM   124 C  "C4'" . DT  B 2 1 ? -12.684 -3.232  2.465   1.00 36.29 ? 7  DT  B "C4'" 1 
ATOM   125 O  "O4'" . DT  B 2 1 ? -12.711 -2.110  3.372   1.00 34.77 ? 7  DT  B "O4'" 1 
ATOM   126 C  "C3'" . DT  B 2 1 ? -11.725 -2.832  1.341   1.00 43.27 ? 7  DT  B "C3'" 1 
ATOM   127 O  "O3'" . DT  B 2 1 ? -12.448 -2.313  0.211   1.00 47.37 ? 7  DT  B "O3'" 1 
ATOM   128 C  "C2'" . DT  B 2 1 ? -10.886 -1.742  1.977   1.00 38.46 ? 7  DT  B "C2'" 1 
ATOM   129 C  "C1'" . DT  B 2 1 ? -11.907 -1.069  2.864   1.00 29.77 ? 7  DT  B "C1'" 1 
ATOM   130 N  N1    . DT  B 2 1 ? -11.311 -0.355  3.997   1.00 27.64 ? 7  DT  B N1    1 
ATOM   131 C  C2    . DT  B 2 1 ? -11.079 0.967   3.805   1.00 26.65 ? 7  DT  B C2    1 
ATOM   132 O  O2    . DT  B 2 1 ? -11.445 1.558   2.803   1.00 26.00 ? 7  DT  B O2    1 
ATOM   133 N  N3    . DT  B 2 1 ? -10.412 1.588   4.838   1.00 29.52 ? 7  DT  B N3    1 
ATOM   134 C  C4    . DT  B 2 1 ? -10.009 1.031   6.051   1.00 28.77 ? 7  DT  B C4    1 
ATOM   135 O  O4    . DT  B 2 1 ? -9.389  1.711   6.890   1.00 25.85 ? 7  DT  B O4    1 
ATOM   136 C  C5    . DT  B 2 1 ? -10.350 -0.352  6.211   1.00 25.39 ? 7  DT  B C5    1 
ATOM   137 C  C7    . DT  B 2 1 ? -10.004 -1.028  7.498   1.00 29.17 ? 7  DT  B C7    1 
ATOM   138 C  C6    . DT  B 2 1 ? -10.969 -0.977  5.185   1.00 28.10 ? 7  DT  B C6    1 
ATOM   139 P  P     . DG  B 2 2 ? -11.740 -2.255  -1.241  1.00 47.54 ? 8  DG  B P     1 
ATOM   140 O  OP1   . DG  B 2 2 ? -12.735 -1.748  -2.231  1.00 47.37 ? 8  DG  B OP1   1 
ATOM   141 O  OP2   . DG  B 2 2 ? -11.058 -3.570  -1.492  1.00 54.05 ? 8  DG  B OP2   1 
ATOM   142 O  "O5'" . DG  B 2 2 ? -10.627 -1.132  -1.065  1.00 43.16 ? 8  DG  B "O5'" 1 
ATOM   143 C  "C5'" . DG  B 2 2 ? -10.946 0.257   -1.235  1.00 34.33 ? 8  DG  B "C5'" 1 
ATOM   144 C  "C4'" . DG  B 2 2 ? -9.687  1.030   -1.532  1.00 31.66 ? 8  DG  B "C4'" 1 
ATOM   145 O  "O4'" . DG  B 2 2 ? -8.784  0.852   -0.416  1.00 33.55 ? 8  DG  B "O4'" 1 
ATOM   146 C  "C3'" . DG  B 2 2 ? -8.930  0.521   -2.756  1.00 30.83 ? 8  DG  B "C3'" 1 
ATOM   147 O  "O3'" . DG  B 2 2 ? -8.253  1.612   -3.348  1.00 38.06 ? 8  DG  B "O3'" 1 
ATOM   148 C  "C2'" . DG  B 2 2 ? -7.906  -0.419  -2.152  1.00 29.45 ? 8  DG  B "C2'" 1 
ATOM   149 C  "C1'" . DG  B 2 2 ? -7.554  0.333   -0.886  1.00 25.85 ? 8  DG  B "C1'" 1 
ATOM   150 N  N9    . DG  B 2 2 ? -6.960  -0.479  0.175   1.00 22.47 ? 8  DG  B N9    1 
ATOM   151 C  C8    . DG  B 2 2 ? -7.224  -1.793  0.454   1.00 18.75 ? 8  DG  B C8    1 
ATOM   152 N  N7    . DG  B 2 2 ? -6.484  -2.267  1.418   1.00 20.00 ? 8  DG  B N7    1 
ATOM   153 C  C5    . DG  B 2 2 ? -5.695  -1.196  1.807   1.00 16.55 ? 8  DG  B C5    1 
ATOM   154 C  C6    . DG  B 2 2 ? -4.706  -1.107  2.804   1.00 20.86 ? 8  DG  B C6    1 
ATOM   155 O  O6    . DG  B 2 2 ? -4.297  -1.986  3.556   1.00 21.93 ? 8  DG  B O6    1 
ATOM   156 N  N1    . DG  B 2 2 ? -4.179  0.175   2.896   1.00 20.30 ? 8  DG  B N1    1 
ATOM   157 C  C2    . DG  B 2 2 ? -4.569  1.234   2.140   1.00 17.53 ? 8  DG  B C2    1 
ATOM   158 N  N2    . DG  B 2 2 ? -3.997  2.407   2.431   1.00 21.00 ? 8  DG  B N2    1 
ATOM   159 N  N3    . DG  B 2 2 ? -5.470  1.159   1.183   1.00 18.55 ? 8  DG  B N3    1 
ATOM   160 C  C4    . DG  B 2 2 ? -5.992  -0.081  1.072   1.00 16.97 ? 8  DG  B C4    1 
HETATM 161 P  P     . G49 B 2 3 ? -8.289  1.821   -4.935  1.00 43.58 ? 9  G49 B P     1 
HETATM 162 O  O1P   . G49 B 2 3 ? -9.696  2.047   -5.352  1.00 51.82 ? 9  G49 B O1P   1 
HETATM 163 O  O2P   . G49 B 2 3 ? -7.492  0.752   -5.585  1.00 47.02 ? 9  G49 B O2P   1 
HETATM 164 O  "O5'" . G49 B 2 3 ? -7.508  3.192   -5.106  1.00 45.12 ? 9  G49 B "O5'" 1 
HETATM 165 C  "C5'" . G49 B 2 3 ? -7.456  4.141   -4.009  1.00 43.80 ? 9  G49 B "C5'" 1 
HETATM 166 C  "C4'" . G49 B 2 3 ? -6.040  4.624   -3.798  1.00 39.60 ? 9  G49 B "C4'" 1 
HETATM 167 O  "O4'" . G49 B 2 3 ? -5.374  3.901   -2.728  1.00 36.68 ? 9  G49 B "O4'" 1 
HETATM 168 C  "C3'" . G49 B 2 3 ? -5.168  4.419   -5.029  1.00 36.00 ? 9  G49 B "C3'" 1 
HETATM 169 O  "O3'" . G49 B 2 3 ? -4.179  5.416   -5.038  1.00 37.53 ? 9  G49 B "O3'" 1 
HETATM 170 C  "C2'" . G49 B 2 3 ? -4.481  3.109   -4.732  1.00 35.38 ? 9  G49 B "C2'" 1 
HETATM 171 C  "C1'" . G49 B 2 3 ? -4.200  3.294   -3.257  1.00 29.56 ? 9  G49 B "C1'" 1 
HETATM 172 N  N9    . G49 B 2 3 ? -3.975  2.034   -2.562  1.00 21.24 ? 9  G49 B N9    1 
HETATM 173 C  C8    . G49 B 2 3 ? -4.559  0.821   -2.832  1.00 13.22 ? 9  G49 B C8    1 
HETATM 174 N  N7    . G49 B 2 3 ? -4.149  -0.130  -2.044  1.00 18.50 ? 9  G49 B N7    1 
HETATM 175 C  C5    . G49 B 2 3 ? -3.240  0.499   -1.204  1.00 16.04 ? 9  G49 B C5    1 
HETATM 176 C  C6    . G49 B 2 3 ? -2.475  -0.016  -0.150  1.00 16.85 ? 9  G49 B C6    1 
HETATM 177 O  O6    . G49 B 2 3 ? -2.445  -1.178  0.277   1.00 28.50 ? 9  G49 B O6    1 
HETATM 178 N  N1    . G49 B 2 3 ? -1.681  0.963   0.436   1.00 14.65 ? 9  G49 B N1    1 
HETATM 179 C  C2    . G49 B 2 3 ? -1.636  2.268   0.050   1.00 11.21 ? 9  G49 B C2    1 
HETATM 180 N  N2    . G49 B 2 3 ? -0.829  3.048   0.744   1.00 18.17 ? 9  G49 B N2    1 
HETATM 181 C  CM2   . G49 B 2 3 ? -0.795  4.499   0.649   1.00 21.75 ? 9  G49 B CM2   1 
HETATM 182 N  N3    . G49 B 2 3 ? -2.345  2.767   -0.942  1.00 18.58 ? 9  G49 B N3    1 
HETATM 183 C  C4    . G49 B 2 3 ? -3.124  1.832   -1.516  1.00 15.35 ? 9  G49 B C4    1 
ATOM   184 P  P     . DC  B 2 4 ? -3.300  5.627   -6.340  1.00 47.51 ? 10 DC  B P     1 
ATOM   185 O  OP1   . DC  B 2 4 ? -4.072  6.605   -7.133  1.00 40.56 ? 10 DC  B OP1   1 
ATOM   186 O  OP2   . DC  B 2 4 ? -2.932  4.296   -6.927  1.00 47.43 ? 10 DC  B OP2   1 
ATOM   187 O  "O5'" . DC  B 2 4 ? -1.975  6.298   -5.773  1.00 41.25 ? 10 DC  B "O5'" 1 
ATOM   188 C  "C5'" . DC  B 2 4 ? -1.814  6.534   -4.354  1.00 43.87 ? 10 DC  B "C5'" 1 
ATOM   189 C  "C4'" . DC  B 2 4 ? -0.459  6.053   -3.899  1.00 34.12 ? 10 DC  B "C4'" 1 
ATOM   190 O  "O4'" . DC  B 2 4 ? -0.596  4.745   -3.284  1.00 38.25 ? 10 DC  B "O4'" 1 
ATOM   191 C  "C3'" . DC  B 2 4 ? 0.517   5.871   -5.063  1.00 40.48 ? 10 DC  B "C3'" 1 
ATOM   192 O  "O3'" . DC  B 2 4 ? 1.792   6.427   -4.748  1.00 50.58 ? 10 DC  B "O3'" 1 
ATOM   193 C  "C2'" . DC  B 2 4 ? 0.626   4.366   -5.203  1.00 39.54 ? 10 DC  B "C2'" 1 
ATOM   194 C  "C1'" . DC  B 2 4 ? 0.436   3.918   -3.773  1.00 24.44 ? 10 DC  B "C1'" 1 
ATOM   195 N  N1    . DC  B 2 4 ? -0.001  2.532   -3.672  1.00 15.20 ? 10 DC  B N1    1 
ATOM   196 C  C2    . DC  B 2 4 ? 0.577   1.705   -2.699  1.00 21.66 ? 10 DC  B C2    1 
ATOM   197 O  O2    . DC  B 2 4 ? 1.412   2.174   -1.917  1.00 27.45 ? 10 DC  B O2    1 
ATOM   198 N  N3    . DC  B 2 4 ? 0.219   0.414   -2.629  1.00 22.83 ? 10 DC  B N3    1 
ATOM   199 C  C4    . DC  B 2 4 ? -0.691  -0.066  -3.475  1.00 23.11 ? 10 DC  B C4    1 
ATOM   200 N  N4    . DC  B 2 4 ? -1.018  -1.367  -3.363  1.00 26.33 ? 10 DC  B N4    1 
ATOM   201 C  C5    . DC  B 2 4 ? -1.307  0.757   -4.465  1.00 21.71 ? 10 DC  B C5    1 
ATOM   202 C  C6    . DC  B 2 4 ? -0.934  2.041   -4.524  1.00 16.84 ? 10 DC  B C6    1 
ATOM   203 P  P     . DC  B 2 5 ? 2.828   6.761   -5.931  1.00 60.54 ? 11 DC  B P     1 
ATOM   204 O  OP1   . DC  B 2 5 ? 2.700   8.213   -6.247  1.00 58.63 ? 11 DC  B OP1   1 
ATOM   205 O  OP2   . DC  B 2 5 ? 2.681   5.741   -7.029  1.00 61.18 ? 11 DC  B OP2   1 
ATOM   206 O  "O5'" . DC  B 2 5 ? 4.252   6.520   -5.256  1.00 61.02 ? 11 DC  B "O5'" 1 
ATOM   207 C  "C5'" . DC  B 2 5 ? 4.368   5.788   -4.020  1.00 53.48 ? 11 DC  B "C5'" 1 
ATOM   208 C  "C4'" . DC  B 2 5 ? 5.362   4.661   -4.165  1.00 47.36 ? 11 DC  B "C4'" 1 
ATOM   209 O  "O4'" . DC  B 2 5 ? 4.683   3.405   -3.933  1.00 40.58 ? 11 DC  B "O4'" 1 
ATOM   210 C  "C3'" . DC  B 2 5 ? 6.014   4.538   -5.544  1.00 46.24 ? 11 DC  B "C3'" 1 
ATOM   211 O  "O3'" . DC  B 2 5 ? 7.395   4.171   -5.409  1.00 54.78 ? 11 DC  B "O3'" 1 
ATOM   212 C  "C2'" . DC  B 2 5 ? 5.239   3.402   -6.179  1.00 37.07 ? 11 DC  B "C2'" 1 
ATOM   213 C  "C1'" . DC  B 2 5 ? 5.013   2.519   -4.979  1.00 31.46 ? 11 DC  B "C1'" 1 
ATOM   214 N  N1    . DC  B 2 5 ? 3.901   1.594   -5.152  1.00 23.08 ? 11 DC  B N1    1 
ATOM   215 C  C2    . DC  B 2 5 ? 3.836   0.448   -4.351  1.00 22.50 ? 11 DC  B C2    1 
ATOM   216 O  O2    . DC  B 2 5 ? 4.674   0.279   -3.441  1.00 25.96 ? 11 DC  B O2    1 
ATOM   217 N  N3    . DC  B 2 5 ? 2.864   -0.448  -4.582  1.00 18.74 ? 11 DC  B N3    1 
ATOM   218 C  C4    . DC  B 2 5 ? 1.979   -0.230  -5.553  1.00 14.34 ? 11 DC  B C4    1 
ATOM   219 N  N4    . DC  B 2 5 ? 1.073   -1.174  -5.780  1.00 21.45 ? 11 DC  B N4    1 
ATOM   220 C  C5    . DC  B 2 5 ? 1.990   0.953   -6.339  1.00 15.55 ? 11 DC  B C5    1 
ATOM   221 C  C6    . DC  B 2 5 ? 2.956   1.830   -6.104  1.00 17.37 ? 11 DC  B C6    1 
ATOM   222 P  P     . DG  B 2 6 ? 8.452   4.558   -6.572  1.00 60.95 ? 12 DG  B P     1 
ATOM   223 O  OP1   . DG  B 2 6 ? 9.566   5.274   -5.880  1.00 56.39 ? 12 DG  B OP1   1 
ATOM   224 O  OP2   . DG  B 2 6 ? 7.741   5.220   -7.710  1.00 62.16 ? 12 DG  B OP2   1 
ATOM   225 O  "O5'" . DG  B 2 6 ? 8.974   3.155   -7.132  1.00 53.52 ? 12 DG  B "O5'" 1 
ATOM   226 C  "C5'" . DG  B 2 6 ? 9.479   2.138   -6.239  1.00 48.49 ? 12 DG  B "C5'" 1 
ATOM   227 C  "C4'" . DG  B 2 6 ? 10.987  2.094   -6.298  1.00 41.93 ? 12 DG  B "C4'" 1 
ATOM   228 O  "O4'" . DG  B 2 6 ? 11.469  0.949   -5.551  1.00 35.02 ? 12 DG  B "O4'" 1 
ATOM   229 C  "C3'" . DG  B 2 6 ? 11.526  1.897   -7.711  1.00 36.60 ? 12 DG  B "C3'" 1 
ATOM   230 O  "O3'" . DG  B 2 6 ? 12.890  2.302   -7.711  1.00 48.79 ? 12 DG  B "O3'" 1 
ATOM   231 C  "C2'" . DG  B 2 6 ? 11.506  0.392   -7.843  1.00 34.26 ? 12 DG  B "C2'" 1 
ATOM   232 C  "C1'" . DG  B 2 6 ? 11.982  -0.020  -6.460  1.00 30.98 ? 12 DG  B "C1'" 1 
ATOM   233 N  N9    . DG  B 2 6 ? 11.533  -1.339  -6.025  1.00 30.86 ? 12 DG  B N9    1 
ATOM   234 C  C8    . DG  B 2 6 ? 12.080  -2.108  -5.016  1.00 31.83 ? 12 DG  B C8    1 
ATOM   235 N  N7    . DG  B 2 6 ? 11.479  -3.260  -4.862  1.00 31.73 ? 12 DG  B N7    1 
ATOM   236 C  C5    . DG  B 2 6 ? 10.475  -3.255  -5.829  1.00 30.40 ? 12 DG  B C5    1 
ATOM   237 C  C6    . DG  B 2 6 ? 9.517   -4.241  -6.148  1.00 30.16 ? 12 DG  B C6    1 
ATOM   238 O  O6    . DG  B 2 6 ? 9.365   -5.350  -5.616  1.00 28.87 ? 12 DG  B O6    1 
ATOM   239 N  N1    . DG  B 2 6 ? 8.688   -3.835  -7.200  1.00 26.42 ? 12 DG  B N1    1 
ATOM   240 C  C2    . DG  B 2 6 ? 8.781   -2.626  -7.852  1.00 27.26 ? 12 DG  B C2    1 
ATOM   241 N  N2    . DG  B 2 6 ? 7.897   -2.411  -8.814  1.00 26.36 ? 12 DG  B N2    1 
ATOM   242 N  N3    . DG  B 2 6 ? 9.676   -1.696  -7.571  1.00 26.52 ? 12 DG  B N3    1 
ATOM   243 C  C4    . DG  B 2 6 ? 10.489  -2.075  -6.552  1.00 30.99 ? 12 DG  B C4    1 
HETATM 244 C  C1    . DM8 C 3 . ? 2.686   -3.003  -8.129  1.00 12.97 ? 14 DM8 A C1    1 
HETATM 245 C  C2    . DM8 C 3 . ? 2.291   -2.166  -9.117  1.00 18.09 ? 14 DM8 A C2    1 
HETATM 246 C  C3    . DM8 C 3 . ? 3.010   -1.044  -9.446  1.00 18.47 ? 14 DM8 A C3    1 
HETATM 247 C  C4    . DM8 C 3 . ? 4.105   -0.689  -8.724  1.00 23.00 ? 14 DM8 A C4    1 
HETATM 248 C  C5    . DM8 C 3 . ? 5.578   -1.142  -6.732  1.00 22.72 ? 14 DM8 A C5    1 
HETATM 249 C  C6    . DM8 C 3 . ? 6.941   -1.739  -4.880  1.00 18.92 ? 14 DM8 A C6    1 
HETATM 250 C  C7    . DM8 C 3 . ? 8.557   -2.282  -3.149  1.00 27.96 ? 14 DM8 A C7    1 
HETATM 251 C  C8    . DM8 C 3 . ? 9.023   -3.487  -2.338  1.00 33.46 ? 14 DM8 A C8    1 
HETATM 252 C  C9    . DM8 C 3 . ? 7.828   -4.390  -1.885  1.00 34.57 ? 14 DM8 A C9    1 
HETATM 253 C  C10   . DM8 C 3 . ? 7.133   -5.031  -3.025  1.00 23.63 ? 14 DM8 A C10   1 
HETATM 254 C  C11   . DM8 C 3 . ? 5.672   -4.223  -4.732  1.00 13.50 ? 14 DM8 A C11   1 
HETATM 255 C  C12   . DM8 C 3 . ? 4.244   -3.681  -6.513  1.00 11.58 ? 14 DM8 A C12   1 
HETATM 256 C  C13   . DM8 C 3 . ? 8.303   -5.488  -0.930  1.00 38.02 ? 14 DM8 A C13   1 
HETATM 257 C  C14   . DM8 C 3 . ? 8.028   -5.261  0.580   1.00 36.90 ? 14 DM8 A C14   1 
HETATM 258 C  C15   . DM8 C 3 . ? 3.818   -2.715  -7.465  1.00 11.53 ? 14 DM8 A C15   1 
HETATM 259 C  C16   . DM8 C 3 . ? 4.493   -1.530  -7.680  1.00 19.33 ? 14 DM8 A C16   1 
HETATM 260 C  C17   . DM8 C 3 . ? 5.919   -2.077  -5.718  1.00 12.55 ? 14 DM8 A C17   1 
HETATM 261 C  C18   . DM8 C 3 . ? 5.322   -3.347  -5.677  1.00 12.50 ? 14 DM8 A C18   1 
HETATM 262 C  C19   . DM8 C 3 . ? 6.651   -3.900  -3.840  1.00 19.61 ? 14 DM8 A C19   1 
HETATM 263 C  C20   . DM8 C 3 . ? 7.305   -2.633  -3.904  1.00 23.15 ? 14 DM8 A C20   1 
HETATM 264 C  C21   . DM8 C 3 . ? 3.787   1.482   -9.890  1.00 24.82 ? 14 DM8 A C21   1 
HETATM 265 O  O4    . DM8 C 3 . ? 4.619   0.566   -9.069  1.00 34.49 ? 14 DM8 A O4    1 
HETATM 266 O  O5    . DM8 C 3 . ? 6.006   0.034   -6.610  1.00 30.95 ? 14 DM8 A O5    1 
HETATM 267 O  O6    . DM8 C 3 . ? 7.477   -0.433  -4.826  1.00 22.48 ? 14 DM8 A O6    1 
HETATM 268 O  O7    . DM8 C 3 . ? 8.201   -1.212  -2.332  1.00 39.87 ? 14 DM8 A O7    1 
HETATM 269 O  O9    . DM8 C 3 . ? 6.739   -3.553  -1.305  1.00 47.57 ? 14 DM8 A O9    1 
HETATM 270 O  O11   . DM8 C 3 . ? 5.133   -5.521  -4.718  1.00 25.58 ? 14 DM8 A O11   1 
HETATM 271 O  O12   . DM8 C 3 . ? 3.555   -4.696  -6.324  1.00 23.05 ? 14 DM8 A O12   1 
HETATM 272 O  O13   . DM8 C 3 . ? 8.587   -6.626  -1.373  1.00 41.00 ? 14 DM8 A O13   1 
HETATM 273 C  "C1'" . DM8 C 3 . ? 8.965   -0.017  -2.367  1.00 51.65 ? 14 DM8 A "C1'" 1 
HETATM 274 C  "C2'" . DM8 C 3 . ? 7.898   1.044   -2.604  1.00 59.38 ? 14 DM8 A "C2'" 1 
HETATM 275 C  "C3'" . DM8 C 3 . ? 6.873   1.079   -1.406  1.00 62.49 ? 14 DM8 A "C3'" 1 
HETATM 276 C  "C4'" . DM8 C 3 . ? 7.533   1.379   0.008   1.00 57.88 ? 14 DM8 A "C4'" 1 
HETATM 277 C  "C5'" . DM8 C 3 . ? 8.784   0.439   0.036   1.00 52.09 ? 14 DM8 A "C5'" 1 
HETATM 278 C  "C6'" . DM8 C 3 . ? 9.616   0.428   1.300   1.00 50.22 ? 14 DM8 A "C6'" 1 
HETATM 279 O  "O5'" . DM8 C 3 . ? 9.614   0.351   -1.129  1.00 50.85 ? 14 DM8 A "O5'" 1 
HETATM 280 O  "O4'" . DM8 C 3 . ? 6.545   1.318   1.163   1.00 54.50 ? 14 DM8 A "O4'" 1 
HETATM 281 N  "N3'" . DM8 C 3 . ? 5.624   1.854   -1.678  1.00 66.78 ? 14 DM8 A "N3'" 1 
HETATM 282 BR BR    . DM8 C 3 . ? 8.794   2.585   -2.605  1.00 63.44 ? 14 DM8 A BR    1 
HETATM 283 C  C1    . DM8 D 3 . ? -5.958  -1.704  7.183   1.00 19.67 ? 13 DM8 B C1    1 
HETATM 284 C  C2    . DM8 D 3 . ? -5.137  -2.054  8.235   1.00 13.93 ? 13 DM8 B C2    1 
HETATM 285 C  C3    . DM8 D 3 . ? -4.327  -1.083  8.841   1.00 17.48 ? 13 DM8 B C3    1 
HETATM 286 C  C4    . DM8 D 3 . ? -4.372  0.229   8.404   1.00 18.03 ? 13 DM8 B C4    1 
HETATM 287 C  C5    . DM8 D 3 . ? -5.156  1.855   6.800   1.00 15.14 ? 13 DM8 B C5    1 
HETATM 288 C  C6    . DM8 D 3 . ? -5.799  3.418   5.111   1.00 15.57 ? 13 DM8 B C6    1 
HETATM 289 C  C7    . DM8 D 3 . ? -6.402  5.135   3.414   1.00 23.16 ? 13 DM8 B C7    1 
HETATM 290 C  C8    . DM8 D 3 . ? -7.430  5.349   2.257   1.00 17.03 ? 13 DM8 B C8    1 
HETATM 291 C  C9    . DM8 D 3 . ? -7.589  4.184   1.398   1.00 22.79 ? 13 DM8 B C9    1 
HETATM 292 C  C10   . DM8 D 3 . ? -8.270  3.135   2.254   1.00 21.62 ? 13 DM8 B C10   1 
HETATM 293 C  C11   . DM8 D 3 . ? -7.328  1.471   3.855   1.00 15.56 ? 13 DM8 B C11   1 
HETATM 294 C  C12   . DM8 D 3 . ? -6.704  -0.123  5.549   1.00 14.10 ? 13 DM8 B C12   1 
HETATM 295 C  C13   . DM8 D 3 . ? -8.339  4.569   0.192   1.00 24.98 ? 13 DM8 B C13   1 
HETATM 296 C  C14   . DM8 D 3 . ? -7.653  5.187   -1.023  1.00 31.93 ? 13 DM8 B C14   1 
HETATM 297 C  C15   . DM8 D 3 . ? -5.977  -0.406  6.738   1.00 14.42 ? 13 DM8 B C15   1 
HETATM 298 C  C16   . DM8 D 3 . ? -5.190  0.538   7.327   1.00 12.22 ? 13 DM8 B C16   1 
HETATM 299 C  C17   . DM8 D 3 . ? -5.886  2.150   5.626   1.00 10.55 ? 13 DM8 B C17   1 
HETATM 300 C  C18   . DM8 D 3 . ? -6.642  1.190   5.011   1.00 14.31 ? 13 DM8 B C18   1 
HETATM 301 C  C19   . DM8 D 3 . ? -7.314  2.750   3.363   1.00 20.17 ? 13 DM8 B C19   1 
HETATM 302 C  C20   . DM8 D 3 . ? -6.468  3.703   3.938   1.00 19.09 ? 13 DM8 B C20   1 
HETATM 303 C  C21   . DM8 D 3 . ? -3.139  0.690   10.408  1.00 18.00 ? 13 DM8 B C21   1 
HETATM 304 O  O4    . DM8 D 3 . ? -3.938  1.173   9.314   1.00 24.55 ? 13 DM8 B O4    1 
HETATM 305 O  O5    . DM8 D 3 . ? -4.477  2.723   7.373   1.00 23.34 ? 13 DM8 B O5    1 
HETATM 306 O  O6    . DM8 D 3 . ? -5.018  4.491   5.706   1.00 18.11 ? 13 DM8 B O6    1 
HETATM 307 O  O7    . DM8 D 3 . ? -4.983  5.215   3.151   1.00 29.07 ? 13 DM8 B O7    1 
HETATM 308 O  O9    . DM8 D 3 . ? -6.338  3.601   0.883   1.00 34.96 ? 13 DM8 B O9    1 
HETATM 309 O  O11   . DM8 D 3 . ? -8.026  0.508   3.137   1.00 20.40 ? 13 DM8 B O11   1 
HETATM 310 O  O12   . DM8 D 3 . ? -7.217  -1.051  4.901   1.00 20.33 ? 13 DM8 B O12   1 
HETATM 311 O  O13   . DM8 D 3 . ? -9.551  4.450   0.178   1.00 37.40 ? 13 DM8 B O13   1 
HETATM 312 C  "C1'" . DM8 D 3 . ? -4.200  6.275   3.598   1.00 27.66 ? 13 DM8 B "C1'" 1 
HETATM 313 C  "C2'" . DM8 D 3 . ? -2.721  5.860   3.553   1.00 24.17 ? 13 DM8 B "C2'" 1 
HETATM 314 C  "C3'" . DM8 D 3 . ? -2.327  5.572   2.119   1.00 27.56 ? 13 DM8 B "C3'" 1 
HETATM 315 C  "C4'" . DM8 D 3 . ? -2.744  6.707   1.222   1.00 29.67 ? 13 DM8 B "C4'" 1 
HETATM 316 C  "C5'" . DM8 D 3 . ? -4.215  7.037   1.276   1.00 26.97 ? 13 DM8 B "C5'" 1 
HETATM 317 C  "C6'" . DM8 D 3 . ? -4.493  8.336   0.546   1.00 13.90 ? 13 DM8 B "C6'" 1 
HETATM 318 O  "O5'" . DM8 D 3 . ? -4.557  7.274   2.655   1.00 27.22 ? 13 DM8 B "O5'" 1 
HETATM 319 O  "O4'" . DM8 D 3 . ? -2.036  6.841   -0.023  1.00 37.28 ? 13 DM8 B "O4'" 1 
HETATM 320 N  "N3'" . DM8 D 3 . ? -0.948  5.244   1.859   1.00 24.54 ? 13 DM8 B "N3'" 1 
HETATM 321 BR BR    . DM8 D 3 . ? -1.815  7.207   4.180   1.00 32.65 ? 13 DM8 B BR    1 
HETATM 322 O  O     . HOH E 4 . ? 9.038   -10.961 -2.765  1.00 39.85 ? 21 HOH A O     1 
HETATM 323 O  O     . HOH E 4 . ? -6.901  10.978  2.933   1.00 51.51 ? 22 HOH A O     1 
HETATM 324 O  O     . HOH E 4 . ? -0.251  -8.699  1.113   1.00 34.43 ? 25 HOH A O     1 
HETATM 325 O  O     . HOH E 4 . ? 3.730   -11.868 2.314   1.00 35.62 ? 27 HOH A O     1 
HETATM 326 O  O     . HOH E 4 . ? 2.747   -19.560 2.349   1.00 45.03 ? 34 HOH A O     1 
HETATM 327 O  O     . HOH E 4 . ? -4.845  2.961   13.065  1.00 36.31 ? 36 HOH A O     1 
HETATM 328 O  O     . HOH E 4 . ? 10.300  -9.874  -0.647  1.00 32.13 ? 37 HOH A O     1 
HETATM 329 O  O     . HOH E 4 . ? -5.060  4.282   10.566  1.00 30.05 ? 38 HOH A O     1 
HETATM 330 O  O     . HOH E 4 . ? -0.693  -6.064  0.211   1.00 49.04 ? 39 HOH A O     1 
HETATM 331 O  O     . HOH F 4 . ? -8.266  -4.513  2.160   1.00 54.74 ? 15 HOH B O     1 
HETATM 332 O  O     . HOH F 4 . ? -7.957  -1.419  11.007  1.00 42.80 ? 16 HOH B O     1 
HETATM 333 O  O     . HOH F 4 . ? 7.214   8.662   -4.156  1.00 46.16 ? 17 HOH B O     1 
HETATM 334 O  O     . HOH F 4 . ? -9.939  -1.705  13.110  1.00 40.02 ? 18 HOH B O     1 
HETATM 335 O  O     . HOH F 4 . ? 15.648  1.532   -4.734  1.00 36.73 ? 19 HOH B O     1 
HETATM 336 O  O     . HOH F 4 . ? -11.353 8.181   -0.822  1.00 61.10 ? 20 HOH B O     1 
HETATM 337 O  O     . HOH F 4 . ? -4.360  -3.518  -1.678  1.00 43.15 ? 23 HOH B O     1 
HETATM 338 O  O     . HOH F 4 . ? -15.793 -3.201  -0.732  1.00 54.75 ? 24 HOH B O     1 
HETATM 339 O  O     . HOH F 4 . ? -13.327 3.033   1.227   1.00 45.47 ? 26 HOH B O     1 
HETATM 340 O  O     . HOH F 4 . ? 8.129   12.509  -6.758  1.00 58.68 ? 28 HOH B O     1 
HETATM 341 O  O     . HOH F 4 . ? 2.058   -5.567  -11.403 1.00 48.53 ? 29 HOH B O     1 
HETATM 342 O  O     . HOH F 4 . ? -4.837  -5.156  3.679   1.00 56.27 ? 30 HOH B O     1 
HETATM 343 O  O     . HOH F 4 . ? 6.916   3.195   -11.041 1.00 42.44 ? 31 HOH B O     1 
HETATM 344 O  O     . HOH F 4 . ? -8.104  1.347   9.295   1.00 17.63 ? 32 HOH B O     1 
HETATM 345 O  O     . HOH F 4 . ? 10.083  7.817   -10.178 1.00 59.57 ? 33 HOH B O     1 
HETATM 346 O  O     . HOH F 4 . ? -7.746  9.000   -6.058  1.00 46.09 ? 35 HOH B O     1 
HETATM 347 O  O     . HOH F 4 . ? 6.071   -3.538  -10.340 1.00 19.50 ? 40 HOH B O     1 
# 
